data_9L00
#
_entry.id   9L00
#
_cell.length_a   1.00
_cell.length_b   1.00
_cell.length_c   1.00
_cell.angle_alpha   90.00
_cell.angle_beta   90.00
_cell.angle_gamma   90.00
#
_symmetry.space_group_name_H-M   'P 1'
#
loop_
_entity.id
_entity.type
_entity.pdbx_description
1 polymer 'Proton-coupled zinc antiporter SLC30A1'
2 non-polymer 'methyl (4aS,6aR,6bS,8aR,12aS,14aS,14bS}-11-cyano-2,2,6a,6b,9,9,12a-heptamethyl-10,14-bis(oxidanylidene)-1,3,4,5,6,7,8,8a,14a,14b-decahydropicene-4a-carboxylate'
#
_entity_poly.entity_id   1
_entity_poly.type   'polypeptide(L)'
_entity_poly.pdbx_seq_one_letter_code
;MGCWGRNRGRLLCMLALTFMFMVLEVVVSRVTSSLAMLSDSFHMLSDVLALVVALVAERFARRTHATQKNTFGWIRAEVM
GALVNAIFLTGLCFAILLEAIERFIEPHEMQQPLVVLGVGVAGLLVNVLGLCLFHHHSGFSQDSGHGHSHGGHGHGHGLP
KGPRVKSTRPGSSDINVAPGEQGPDQEETNTLVANTSNSNGLKLDPADPENPRSGDTVEVQVNGNLVREPDHMELEEDRA
GQLNMRGVFLHVLGDALGSVIVVVNALVFYFSWKGCSEGDFCVNPCFPDPCKAFVEIINSTHASVYEAGPCWVLYLDPTL
CVVMVCILLYTTYPLLKESALILLQTVPKQIDIRNLIKELRNVEGVEEVHELHVWQLAGSRIIATAHIKCEDPTSYMEVA
KTIKDVFHNHGIHATTIQPEFASVGSKSSVVPCELACRTQCALKQCCGTLPQAPSGKDAEKTPAVSISCLELSNNLEKKP
RRTKAENIPAVVIEIKNMPNKQPESSL
;
_entity_poly.pdbx_strand_id   A,B
#
loop_
_chem_comp.id
_chem_comp.type
_chem_comp.name
_chem_comp.formula
A1EIM non-polymer 'methyl (4aS,6aR,6bS,8aR,12aS,14aS,14bS}-11-cyano-2,2,6a,6b,9,9,12a-heptamethyl-10,14-bis(oxidanylidene)-1,3,4,5,6,7,8,8a,14a,14b-decahydropicene-4a-carboxylate' 'C32 H43 N O4'
#
# COMPACT_ATOMS: atom_id res chain seq x y z
N GLY A 5 25.53 0.74 -3.14
CA GLY A 5 26.70 -0.08 -2.89
C GLY A 5 26.76 -0.60 -1.47
N ARG A 6 27.17 0.27 -0.54
CA ARG A 6 27.23 -0.13 0.86
C ARG A 6 25.82 -0.37 1.41
N ASN A 7 24.86 0.47 1.03
CA ASN A 7 23.47 0.24 1.42
C ASN A 7 22.96 -1.07 0.81
N ARG A 8 23.38 -1.38 -0.41
CA ARG A 8 23.02 -2.65 -1.02
C ARG A 8 23.56 -3.82 -0.21
N GLY A 9 24.83 -3.75 0.20
CA GLY A 9 25.39 -4.79 1.03
C GLY A 9 24.70 -4.90 2.38
N ARG A 10 24.28 -3.76 2.93
CA ARG A 10 23.54 -3.77 4.18
C ARG A 10 22.22 -4.50 4.02
N LEU A 11 21.46 -4.17 2.97
CA LEU A 11 20.22 -4.88 2.70
C LEU A 11 20.48 -6.37 2.52
N LEU A 12 21.53 -6.72 1.80
CA LEU A 12 21.83 -8.14 1.56
C LEU A 12 22.12 -8.87 2.85
N CYS A 13 22.98 -8.29 3.70
CA CYS A 13 23.33 -8.96 4.95
C CYS A 13 22.12 -9.06 5.87
N MET A 14 21.28 -8.02 5.91
CA MET A 14 20.09 -8.07 6.76
C MET A 14 19.13 -9.15 6.28
N LEU A 15 18.92 -9.24 4.97
CA LEU A 15 18.04 -10.28 4.43
C LEU A 15 18.59 -11.68 4.72
N ALA A 16 19.91 -11.85 4.56
CA ALA A 16 20.52 -13.12 4.91
C ALA A 16 20.30 -13.45 6.38
N LEU A 17 20.41 -12.45 7.25
CA LEU A 17 20.18 -12.69 8.67
C LEU A 17 18.73 -13.08 8.94
N THR A 18 17.78 -12.45 8.24
CA THR A 18 16.38 -12.82 8.41
C THR A 18 16.15 -14.28 8.01
N PHE A 19 16.73 -14.70 6.89
CA PHE A 19 16.51 -16.08 6.45
C PHE A 19 17.20 -17.06 7.39
N MET A 20 18.40 -16.73 7.89
CA MET A 20 19.04 -17.58 8.88
C MET A 20 18.21 -17.67 10.15
N PHE A 21 17.59 -16.56 10.54
CA PHE A 21 16.74 -16.56 11.73
C PHE A 21 15.49 -17.42 11.52
N MET A 22 14.92 -17.37 10.32
CA MET A 22 13.78 -18.24 10.02
C MET A 22 14.20 -19.70 10.09
N VAL A 23 15.37 -20.02 9.56
CA VAL A 23 15.90 -21.38 9.66
C VAL A 23 16.08 -21.78 11.12
N LEU A 24 16.56 -20.84 11.94
CA LEU A 24 16.71 -21.12 13.36
C LEU A 24 15.37 -21.40 14.03
N GLU A 25 14.35 -20.62 13.67
CA GLU A 25 13.03 -20.85 14.25
C GLU A 25 12.48 -22.22 13.87
N VAL A 26 12.63 -22.60 12.60
CA VAL A 26 12.11 -23.91 12.19
C VAL A 26 12.92 -25.03 12.83
N VAL A 27 14.23 -24.83 13.01
CA VAL A 27 15.05 -25.85 13.67
C VAL A 27 14.69 -26.00 15.14
N VAL A 28 14.39 -24.91 15.83
CA VAL A 28 14.02 -25.02 17.24
C VAL A 28 12.59 -25.53 17.38
N SER A 29 11.74 -25.29 16.38
CA SER A 29 10.41 -25.87 16.40
C SER A 29 10.45 -27.37 16.16
N ARG A 30 11.39 -27.85 15.33
CA ARG A 30 11.58 -29.28 15.21
C ARG A 30 11.86 -29.93 16.56
N VAL A 31 12.58 -29.23 17.44
CA VAL A 31 12.87 -29.75 18.77
C VAL A 31 11.73 -29.55 19.75
N THR A 32 10.96 -28.47 19.62
CA THR A 32 9.90 -28.17 20.58
C THR A 32 8.58 -28.85 20.24
N SER A 33 8.42 -29.35 19.01
CA SER A 33 7.17 -29.98 18.57
C SER A 33 5.99 -29.02 18.72
N SER A 34 6.15 -27.80 18.21
CA SER A 34 5.17 -26.75 18.35
C SER A 34 4.82 -26.16 16.99
N LEU A 35 3.53 -26.05 16.71
CA LEU A 35 3.05 -25.40 15.49
C LEU A 35 2.97 -23.89 15.64
N ALA A 36 2.83 -23.39 16.88
CA ALA A 36 2.82 -21.94 17.09
C ALA A 36 4.12 -21.32 16.61
N MET A 37 5.23 -22.05 16.73
CA MET A 37 6.49 -21.54 16.22
C MET A 37 6.47 -21.47 14.70
N LEU A 38 5.84 -22.44 14.04
CA LEU A 38 5.66 -22.35 12.60
C LEU A 38 4.82 -21.13 12.23
N SER A 39 3.77 -20.85 13.01
CA SER A 39 2.96 -19.67 12.76
C SER A 39 3.79 -18.39 12.90
N ASP A 40 4.61 -18.32 13.97
CA ASP A 40 5.44 -17.14 14.18
C ASP A 40 6.45 -16.96 13.05
N SER A 41 7.04 -18.07 12.59
CA SER A 41 7.98 -17.98 11.47
C SER A 41 7.30 -17.51 10.20
N PHE A 42 6.14 -18.09 9.88
CA PHE A 42 5.44 -17.69 8.67
C PHE A 42 4.97 -16.25 8.75
N HIS A 43 4.70 -15.75 9.95
CA HIS A 43 4.31 -14.35 10.06
C HIS A 43 5.51 -13.42 10.00
N MET A 44 6.66 -13.84 10.52
CA MET A 44 7.86 -13.01 10.40
C MET A 44 8.42 -13.05 8.99
N LEU A 45 7.97 -14.00 8.17
CA LEU A 45 8.35 -14.03 6.76
C LEU A 45 8.00 -12.73 6.03
N SER A 46 7.00 -11.99 6.51
CA SER A 46 6.51 -10.81 5.79
C SER A 46 7.56 -9.72 5.66
N ASP A 47 8.66 -9.78 6.41
CA ASP A 47 9.73 -8.80 6.25
C ASP A 47 10.48 -8.98 4.94
N VAL A 48 10.49 -10.21 4.40
CA VAL A 48 11.16 -10.46 3.13
C VAL A 48 10.52 -9.64 2.01
N LEU A 49 9.20 -9.44 2.07
CA LEU A 49 8.53 -8.62 1.06
C LEU A 49 9.06 -7.21 1.07
N ALA A 50 9.09 -6.56 2.23
CA ALA A 50 9.59 -5.20 2.30
C ALA A 50 11.05 -5.13 1.91
N LEU A 51 11.84 -6.12 2.31
CA LEU A 51 13.26 -6.10 1.98
C LEU A 51 13.48 -6.21 0.48
N VAL A 52 12.72 -7.07 -0.20
CA VAL A 52 12.89 -7.20 -1.64
C VAL A 52 12.32 -5.98 -2.36
N VAL A 53 11.30 -5.33 -1.80
CA VAL A 53 10.81 -4.08 -2.39
C VAL A 53 11.90 -3.03 -2.34
N ALA A 54 12.52 -2.84 -1.17
CA ALA A 54 13.64 -1.92 -1.07
C ALA A 54 14.78 -2.33 -2.00
N LEU A 55 14.99 -3.63 -2.16
CA LEU A 55 16.05 -4.11 -3.04
C LEU A 55 15.81 -3.69 -4.47
N VAL A 56 14.62 -3.97 -5.01
CA VAL A 56 14.33 -3.62 -6.40
C VAL A 56 14.29 -2.10 -6.57
N ALA A 57 13.88 -1.37 -5.54
CA ALA A 57 13.92 0.09 -5.62
C ALA A 57 15.34 0.59 -5.77
N GLU A 58 16.25 0.09 -4.92
CA GLU A 58 17.65 0.49 -5.02
C GLU A 58 18.26 0.05 -6.35
N ARG A 59 17.80 -1.09 -6.88
CA ARG A 59 18.32 -1.55 -8.16
C ARG A 59 17.90 -0.63 -9.29
N PHE A 60 16.65 -0.16 -9.27
CA PHE A 60 16.18 0.75 -10.30
C PHE A 60 16.62 2.19 -10.09
N ALA A 61 17.10 2.55 -8.90
CA ALA A 61 17.53 3.92 -8.66
C ALA A 61 18.66 4.32 -9.61
N ARG A 62 19.58 3.40 -9.88
CA ARG A 62 20.77 3.70 -10.68
C ARG A 62 20.49 3.74 -12.17
N ARG A 63 19.22 3.82 -12.59
CA ARG A 63 18.92 3.90 -14.02
C ARG A 63 19.32 5.26 -14.57
N THR A 64 18.72 6.34 -14.05
CA THR A 64 19.03 7.74 -14.38
C THR A 64 19.35 7.94 -15.87
N HIS A 65 18.57 7.29 -16.74
CA HIS A 65 18.84 7.31 -18.16
C HIS A 65 17.56 7.67 -18.92
N ALA A 66 17.70 8.50 -19.94
CA ALA A 66 16.58 8.81 -20.81
C ALA A 66 16.39 7.69 -21.83
N THR A 67 15.17 7.16 -21.90
CA THR A 67 14.90 6.01 -22.74
C THR A 67 13.75 6.26 -23.70
N GLN A 68 13.30 5.22 -24.39
CA GLN A 68 12.11 5.32 -25.22
C GLN A 68 10.83 5.30 -24.39
N LYS A 69 10.94 5.00 -23.10
CA LYS A 69 9.83 5.10 -22.16
C LYS A 69 10.30 5.83 -20.92
N ASN A 70 9.41 6.66 -20.37
CA ASN A 70 9.70 7.42 -19.16
C ASN A 70 10.95 8.29 -19.37
N THR A 71 10.80 9.28 -20.25
CA THR A 71 11.92 10.08 -20.70
C THR A 71 12.65 10.78 -19.56
N PHE A 72 12.10 10.76 -18.35
CA PHE A 72 12.81 11.34 -17.21
C PHE A 72 13.86 10.39 -16.65
N GLY A 73 13.63 9.09 -16.76
CA GLY A 73 14.46 8.11 -16.10
C GLY A 73 13.86 7.68 -14.76
N TRP A 74 14.07 6.41 -14.43
CA TRP A 74 13.44 5.80 -13.26
C TRP A 74 14.08 6.33 -11.98
N ILE A 75 13.76 7.58 -11.66
CA ILE A 75 14.33 8.24 -10.51
C ILE A 75 13.33 8.21 -9.37
N ARG A 76 12.05 8.05 -9.70
CA ARG A 76 11.00 7.99 -8.68
C ARG A 76 10.85 6.59 -8.09
N ALA A 77 11.74 5.65 -8.43
CA ALA A 77 11.66 4.31 -7.85
C ALA A 77 11.84 4.37 -6.34
N GLU A 78 12.74 5.23 -5.85
CA GLU A 78 12.94 5.37 -4.42
C GLU A 78 11.65 5.79 -3.71
N VAL A 79 11.00 6.83 -4.22
CA VAL A 79 9.78 7.33 -3.59
C VAL A 79 8.68 6.28 -3.67
N MET A 80 8.59 5.58 -4.80
CA MET A 80 7.58 4.54 -4.92
C MET A 80 7.82 3.41 -3.92
N GLY A 81 9.08 3.02 -3.73
CA GLY A 81 9.37 2.01 -2.73
C GLY A 81 9.02 2.46 -1.33
N ALA A 82 9.32 3.72 -1.00
CA ALA A 82 8.96 4.24 0.31
C ALA A 82 7.46 4.23 0.53
N LEU A 83 6.69 4.62 -0.50
CA LEU A 83 5.24 4.64 -0.36
C LEU A 83 4.69 3.23 -0.21
N VAL A 84 5.22 2.27 -0.98
CA VAL A 84 4.78 0.89 -0.85
C VAL A 84 5.05 0.37 0.55
N ASN A 85 6.25 0.65 1.07
CA ASN A 85 6.57 0.20 2.43
C ASN A 85 5.63 0.81 3.44
N ALA A 86 5.33 2.11 3.31
CA ALA A 86 4.46 2.76 4.28
C ALA A 86 3.05 2.16 4.26
N ILE A 87 2.47 2.00 3.07
CA ILE A 87 1.12 1.46 2.98
C ILE A 87 1.09 0.02 3.48
N PHE A 88 2.08 -0.78 3.09
CA PHE A 88 2.15 -2.16 3.56
C PHE A 88 2.24 -2.23 5.07
N LEU A 89 3.05 -1.37 5.68
CA LEU A 89 3.17 -1.38 7.13
C LEU A 89 1.88 -0.97 7.80
N THR A 90 1.16 0.01 7.24
CA THR A 90 -0.11 0.40 7.83
C THR A 90 -1.13 -0.74 7.75
N GLY A 91 -1.16 -1.46 6.62
CA GLY A 91 -2.04 -2.61 6.52
C GLY A 91 -1.71 -3.70 7.52
N LEU A 92 -0.40 -4.00 7.67
CA LEU A 92 0.02 -4.99 8.64
C LEU A 92 -0.32 -4.55 10.06
N CYS A 93 -0.22 -3.25 10.32
CA CYS A 93 -0.58 -2.71 11.63
C CYS A 93 -2.07 -2.90 11.90
N PHE A 94 -2.90 -2.68 10.88
CA PHE A 94 -4.33 -2.94 11.02
C PHE A 94 -4.58 -4.40 11.36
N ALA A 95 -3.93 -5.31 10.64
CA ALA A 95 -4.11 -6.73 10.90
C ALA A 95 -3.68 -7.10 12.32
N ILE A 96 -2.54 -6.56 12.76
CA ILE A 96 -2.04 -6.85 14.10
C ILE A 96 -3.01 -6.33 15.16
N LEU A 97 -3.57 -5.14 14.94
CA LEU A 97 -4.55 -4.61 15.89
C LEU A 97 -5.79 -5.49 15.94
N LEU A 98 -6.22 -6.03 14.80
CA LEU A 98 -7.37 -6.92 14.79
C LEU A 98 -7.09 -8.18 15.61
N GLU A 99 -5.94 -8.83 15.36
CA GLU A 99 -5.60 -10.01 16.13
C GLU A 99 -5.44 -9.69 17.60
N ALA A 100 -4.95 -8.48 17.91
CA ALA A 100 -4.75 -8.10 19.29
C ALA A 100 -6.07 -7.92 20.03
N ILE A 101 -7.05 -7.27 19.40
CA ILE A 101 -8.33 -7.12 20.08
C ILE A 101 -9.05 -8.47 20.18
N GLU A 102 -8.85 -9.35 19.19
CA GLU A 102 -9.41 -10.69 19.30
C GLU A 102 -8.84 -11.43 20.50
N ARG A 103 -7.51 -11.45 20.63
CA ARG A 103 -6.88 -12.11 21.77
C ARG A 103 -7.20 -11.40 23.08
N PHE A 104 -7.52 -10.11 23.02
CA PHE A 104 -7.90 -9.38 24.23
C PHE A 104 -9.28 -9.78 24.69
N ILE A 105 -10.17 -10.11 23.75
CA ILE A 105 -11.48 -10.62 24.12
C ILE A 105 -11.38 -12.08 24.57
N GLU A 106 -10.44 -12.83 24.00
CA GLU A 106 -10.21 -14.22 24.39
C GLU A 106 -8.77 -14.42 24.83
N PRO A 107 -8.48 -14.39 26.13
CA PRO A 107 -7.08 -14.48 26.58
C PRO A 107 -6.50 -15.88 26.50
N HIS A 108 -5.98 -16.24 25.32
CA HIS A 108 -5.32 -17.53 25.16
C HIS A 108 -4.08 -17.61 26.05
N GLU A 109 -3.85 -18.81 26.60
CA GLU A 109 -2.74 -19.03 27.51
C GLU A 109 -1.41 -19.01 26.74
N MET A 110 -0.32 -18.88 27.50
CA MET A 110 1.04 -18.81 26.97
C MET A 110 1.68 -20.19 27.04
N GLN A 111 2.61 -20.45 26.12
CA GLN A 111 3.26 -21.75 26.04
C GLN A 111 4.76 -21.60 25.82
N GLN A 112 5.52 -22.40 26.57
CA GLN A 112 6.96 -22.61 26.42
C GLN A 112 7.77 -21.33 26.64
N PRO A 113 7.64 -20.69 27.81
CA PRO A 113 8.27 -19.38 28.00
C PRO A 113 9.79 -19.40 27.94
N LEU A 114 10.44 -20.50 28.34
CA LEU A 114 11.90 -20.51 28.32
C LEU A 114 12.44 -20.45 26.90
N VAL A 115 11.96 -21.32 26.01
CA VAL A 115 12.44 -21.30 24.65
C VAL A 115 11.96 -20.06 23.92
N VAL A 116 10.76 -19.57 24.28
CA VAL A 116 10.35 -18.28 23.73
C VAL A 116 11.33 -17.19 24.15
N LEU A 117 11.82 -17.21 25.39
CA LEU A 117 12.82 -16.26 25.82
C LEU A 117 14.10 -16.40 25.01
N GLY A 118 14.55 -17.64 24.81
CA GLY A 118 15.76 -17.86 24.02
C GLY A 118 15.66 -17.25 22.65
N VAL A 119 14.62 -17.64 21.90
CA VAL A 119 14.46 -17.12 20.55
C VAL A 119 14.15 -15.62 20.57
N GLY A 120 13.58 -15.11 21.66
CA GLY A 120 13.28 -13.70 21.73
C GLY A 120 14.51 -12.86 21.94
N VAL A 121 15.45 -13.35 22.75
CA VAL A 121 16.73 -12.64 22.89
C VAL A 121 17.55 -12.76 21.61
N ALA A 122 17.45 -13.92 20.93
CA ALA A 122 18.08 -14.03 19.62
C ALA A 122 17.56 -12.95 18.67
N GLY A 123 16.23 -12.88 18.52
CA GLY A 123 15.65 -11.86 17.67
C GLY A 123 15.94 -10.46 18.17
N LEU A 124 16.04 -10.28 19.48
CA LEU A 124 16.39 -8.99 20.05
C LEU A 124 17.75 -8.54 19.54
N LEU A 125 18.78 -9.37 19.72
CA LEU A 125 20.11 -8.98 19.30
C LEU A 125 20.18 -8.80 17.79
N VAL A 126 19.53 -9.68 17.04
CA VAL A 126 19.56 -9.56 15.58
C VAL A 126 18.91 -8.26 15.13
N ASN A 127 17.74 -7.94 15.69
CA ASN A 127 17.02 -6.75 15.26
C ASN A 127 17.73 -5.48 15.74
N VAL A 128 18.38 -5.53 16.90
CA VAL A 128 19.15 -4.37 17.34
C VAL A 128 20.36 -4.16 16.44
N LEU A 129 21.00 -5.24 16.01
CA LEU A 129 22.08 -5.11 15.03
C LEU A 129 21.56 -4.50 13.74
N GLY A 130 20.40 -4.97 13.26
CA GLY A 130 19.83 -4.40 12.05
C GLY A 130 19.47 -2.94 12.20
N LEU A 131 18.97 -2.56 13.38
CA LEU A 131 18.64 -1.17 13.64
C LEU A 131 19.90 -0.30 13.65
N CYS A 132 20.94 -0.76 14.34
CA CYS A 132 22.21 -0.04 14.33
C CYS A 132 22.75 0.09 12.91
N LEU A 133 22.50 -0.91 12.07
CA LEU A 133 22.83 -0.79 10.66
C LEU A 133 22.02 0.32 9.99
N PHE A 134 20.70 0.31 10.20
CA PHE A 134 19.81 1.30 9.59
C PHE A 134 19.50 2.44 10.55
N HIS A 135 20.54 3.18 10.93
CA HIS A 135 20.35 4.37 11.75
C HIS A 135 20.91 5.63 11.11
N HIS A 136 21.70 5.52 10.04
CA HIS A 136 22.17 6.68 9.32
C HIS A 136 21.10 7.32 8.45
N HIS A 137 19.87 6.82 8.49
CA HIS A 137 18.79 7.33 7.66
C HIS A 137 17.51 7.58 8.47
N SER A 138 17.63 7.88 9.76
CA SER A 138 16.48 8.11 10.61
C SER A 138 15.75 9.40 10.23
N ASP A 238 20.83 11.20 -3.38
CA ASP A 238 20.93 12.01 -2.17
C ASP A 238 19.83 11.67 -1.18
N ARG A 239 18.84 12.56 -1.06
CA ARG A 239 17.76 12.39 -0.09
C ARG A 239 16.92 11.15 -0.35
N ALA A 240 16.75 10.76 -1.62
CA ALA A 240 15.89 9.63 -1.95
C ALA A 240 16.33 8.35 -1.26
N GLY A 241 17.65 8.21 -1.05
CA GLY A 241 18.15 7.04 -0.36
C GLY A 241 17.57 6.91 1.04
N GLN A 242 17.71 7.96 1.85
CA GLN A 242 17.12 7.95 3.18
C GLN A 242 15.59 7.84 3.09
N LEU A 243 15.00 8.49 2.09
CA LEU A 243 13.55 8.43 1.93
C LEU A 243 13.07 6.99 1.79
N ASN A 244 13.78 6.18 1.03
CA ASN A 244 13.41 4.77 0.92
C ASN A 244 13.78 3.99 2.16
N MET A 245 15.01 4.16 2.65
CA MET A 245 15.47 3.38 3.79
C MET A 245 14.67 3.64 5.07
N ARG A 246 13.94 4.74 5.14
CA ARG A 246 13.09 4.97 6.31
C ARG A 246 12.03 3.87 6.45
N GLY A 247 11.57 3.30 5.33
CA GLY A 247 10.60 2.23 5.42
C GLY A 247 11.14 0.98 6.09
N VAL A 248 12.31 0.52 5.62
CA VAL A 248 12.90 -0.66 6.24
C VAL A 248 13.34 -0.33 7.66
N PHE A 249 13.68 0.92 7.95
CA PHE A 249 13.98 1.29 9.33
C PHE A 249 12.75 1.16 10.22
N LEU A 250 11.59 1.61 9.73
CA LEU A 250 10.36 1.46 10.49
C LEU A 250 10.02 -0.01 10.71
N HIS A 251 10.21 -0.83 9.67
CA HIS A 251 9.93 -2.26 9.83
C HIS A 251 10.88 -2.92 10.82
N VAL A 252 12.16 -2.55 10.78
CA VAL A 252 13.11 -3.13 11.72
C VAL A 252 12.82 -2.66 13.14
N LEU A 253 12.36 -1.41 13.29
CA LEU A 253 11.92 -0.96 14.61
C LEU A 253 10.73 -1.75 15.10
N GLY A 254 9.76 -2.02 14.22
CA GLY A 254 8.66 -2.88 14.60
C GLY A 254 9.12 -4.27 15.00
N ASP A 255 10.08 -4.83 14.27
CA ASP A 255 10.65 -6.12 14.61
C ASP A 255 11.26 -6.11 16.00
N ALA A 256 12.14 -5.14 16.26
CA ALA A 256 12.83 -5.08 17.54
C ALA A 256 11.86 -4.82 18.68
N LEU A 257 10.81 -4.03 18.43
CA LEU A 257 9.84 -3.77 19.47
C LEU A 257 8.98 -4.99 19.75
N GLY A 258 8.65 -5.77 18.71
CA GLY A 258 8.02 -7.06 18.95
C GLY A 258 8.90 -7.99 19.76
N SER A 259 10.20 -7.99 19.48
CA SER A 259 11.13 -8.79 20.28
C SER A 259 11.13 -8.34 21.73
N VAL A 260 11.18 -7.03 21.97
CA VAL A 260 11.17 -6.51 23.33
C VAL A 260 9.90 -6.91 24.06
N ILE A 261 8.74 -6.71 23.40
CA ILE A 261 7.47 -7.00 24.06
C ILE A 261 7.35 -8.49 24.35
N VAL A 262 7.80 -9.35 23.43
CA VAL A 262 7.65 -10.78 23.68
C VAL A 262 8.60 -11.24 24.77
N VAL A 263 9.80 -10.65 24.84
CA VAL A 263 10.72 -11.01 25.91
C VAL A 263 10.17 -10.59 27.26
N VAL A 264 9.61 -9.37 27.34
CA VAL A 264 9.06 -8.91 28.60
C VAL A 264 7.87 -9.75 29.02
N ASN A 265 7.01 -10.12 28.07
CA ASN A 265 5.88 -10.98 28.39
C ASN A 265 6.35 -12.35 28.84
N ALA A 266 7.41 -12.87 28.21
CA ALA A 266 7.97 -14.15 28.63
C ALA A 266 8.44 -14.10 30.07
N LEU A 267 9.21 -13.06 30.42
CA LEU A 267 9.64 -12.95 31.82
C LEU A 267 8.48 -12.71 32.76
N VAL A 268 7.43 -12.03 32.30
CA VAL A 268 6.26 -11.82 33.16
C VAL A 268 5.63 -13.15 33.52
N PHE A 269 5.39 -13.99 32.52
CA PHE A 269 4.88 -15.32 32.82
C PHE A 269 5.86 -16.08 33.71
N TYR A 270 7.14 -16.03 33.37
CA TYR A 270 8.17 -16.73 34.13
C TYR A 270 8.15 -16.34 35.60
N PHE A 271 7.83 -15.09 35.90
CA PHE A 271 8.00 -14.59 37.25
C PHE A 271 6.68 -14.40 38.00
N SER A 272 5.54 -14.58 37.35
CA SER A 272 4.28 -14.43 38.06
C SER A 272 3.20 -15.44 37.71
N TRP A 273 3.48 -16.45 36.88
CA TRP A 273 2.46 -17.39 36.46
C TRP A 273 2.86 -18.80 36.89
N LYS A 274 2.45 -19.20 38.11
CA LYS A 274 2.64 -20.58 38.52
C LYS A 274 1.73 -21.51 37.72
N GLY A 275 0.67 -20.97 37.13
CA GLY A 275 -0.17 -21.67 36.17
C GLY A 275 -0.57 -23.08 36.56
N CYS A 276 -1.31 -23.21 37.66
CA CYS A 276 -1.80 -24.53 38.05
C CYS A 276 -2.87 -24.94 37.06
N SER A 277 -2.47 -25.67 36.01
CA SER A 277 -3.41 -26.02 34.96
C SER A 277 -3.34 -27.48 34.52
N GLU A 278 -2.27 -28.21 34.80
CA GLU A 278 -2.12 -29.57 34.30
C GLU A 278 -1.49 -30.45 35.37
N GLY A 279 -1.62 -31.76 35.17
CA GLY A 279 -0.96 -32.74 36.01
C GLY A 279 -1.69 -33.06 37.30
N ASP A 280 -1.57 -32.18 38.29
CA ASP A 280 -2.24 -32.37 39.57
C ASP A 280 -3.61 -31.70 39.53
N PHE A 281 -4.26 -31.56 40.68
CA PHE A 281 -5.53 -30.85 40.73
C PHE A 281 -5.30 -29.40 40.38
N CYS A 282 -5.72 -28.99 39.18
CA CYS A 282 -5.31 -27.73 38.60
C CYS A 282 -6.34 -27.28 37.57
N VAL A 283 -6.92 -26.10 37.78
CA VAL A 283 -7.84 -25.46 36.85
C VAL A 283 -7.47 -23.98 36.74
N ASN A 284 -8.22 -23.26 35.91
CA ASN A 284 -8.01 -21.83 35.78
C ASN A 284 -9.36 -21.11 35.75
N PRO A 285 -9.60 -20.20 36.68
CA PRO A 285 -10.91 -19.56 36.76
C PRO A 285 -11.11 -18.51 35.68
N CYS A 286 -10.02 -17.96 35.17
CA CYS A 286 -10.10 -16.88 34.22
C CYS A 286 -10.27 -17.35 32.78
N PHE A 287 -10.00 -18.60 32.49
CA PHE A 287 -10.25 -19.10 31.16
C PHE A 287 -11.74 -19.21 30.93
N PRO A 288 -12.26 -18.78 29.77
CA PRO A 288 -13.72 -18.82 29.57
C PRO A 288 -14.29 -20.23 29.60
N ASP A 289 -13.73 -21.15 28.82
CA ASP A 289 -14.20 -22.53 28.78
C ASP A 289 -13.07 -23.45 28.34
N PRO A 290 -12.29 -23.99 29.27
CA PRO A 290 -11.17 -24.88 28.93
C PRO A 290 -11.61 -26.27 28.49
N CYS A 291 -12.51 -26.33 27.51
CA CYS A 291 -13.05 -27.57 26.98
C CYS A 291 -13.64 -28.42 28.10
N LYS A 292 -14.50 -27.77 28.87
CA LYS A 292 -15.18 -28.42 29.98
C LYS A 292 -16.37 -29.23 29.47
N ALA A 293 -17.02 -29.93 30.40
CA ALA A 293 -18.16 -30.76 30.06
C ALA A 293 -19.38 -29.90 29.74
N TYR A 306 -5.87 -26.71 41.79
CA TYR A 306 -6.78 -25.62 42.12
C TYR A 306 -6.88 -24.64 40.97
N GLU A 307 -7.44 -23.47 41.24
CA GLU A 307 -7.50 -22.42 40.25
C GLU A 307 -6.09 -21.90 39.94
N ALA A 308 -5.89 -21.44 38.71
CA ALA A 308 -4.56 -21.01 38.30
C ALA A 308 -4.16 -19.75 39.05
N GLY A 309 -2.91 -19.34 38.84
CA GLY A 309 -2.34 -18.20 39.52
C GLY A 309 -2.99 -16.89 39.13
N PRO A 310 -2.39 -15.77 39.52
CA PRO A 310 -2.94 -14.47 39.16
C PRO A 310 -3.03 -14.31 37.65
N CYS A 311 -4.25 -14.25 37.15
CA CYS A 311 -4.50 -14.29 35.72
C CYS A 311 -4.45 -12.92 35.05
N TRP A 312 -4.35 -11.84 35.82
CA TRP A 312 -4.41 -10.51 35.22
C TRP A 312 -3.32 -10.31 34.17
N VAL A 313 -2.22 -11.06 34.26
CA VAL A 313 -1.16 -10.94 33.27
C VAL A 313 -1.56 -11.43 31.89
N LEU A 314 -2.71 -12.12 31.79
CA LEU A 314 -3.11 -12.69 30.51
C LEU A 314 -3.32 -11.60 29.46
N TYR A 315 -3.87 -10.46 29.86
CA TYR A 315 -4.15 -9.38 28.92
C TYR A 315 -2.94 -8.50 28.63
N LEU A 316 -1.78 -8.79 29.23
CA LEU A 316 -0.61 -7.94 29.02
C LEU A 316 -0.18 -7.94 27.57
N ASP A 317 -0.22 -9.10 26.91
CA ASP A 317 0.17 -9.17 25.51
C ASP A 317 -0.66 -8.24 24.63
N PRO A 318 -2.01 -8.26 24.68
CA PRO A 318 -2.74 -7.29 23.86
C PRO A 318 -2.60 -5.86 24.34
N THR A 319 -2.60 -5.62 25.66
CA THR A 319 -2.55 -4.24 26.12
C THR A 319 -1.18 -3.60 25.92
N LEU A 320 -0.17 -4.37 25.53
CA LEU A 320 1.08 -3.79 25.09
C LEU A 320 1.26 -3.83 23.58
N CYS A 321 0.65 -4.79 22.90
CA CYS A 321 0.64 -4.76 21.44
C CYS A 321 -0.11 -3.54 20.92
N VAL A 322 -1.12 -3.07 21.68
CA VAL A 322 -1.81 -1.86 21.27
C VAL A 322 -0.88 -0.65 21.33
N VAL A 323 -0.04 -0.58 22.37
CA VAL A 323 0.94 0.50 22.44
C VAL A 323 1.95 0.37 21.31
N MET A 324 2.35 -0.86 20.98
CA MET A 324 3.24 -1.08 19.85
C MET A 324 2.66 -0.50 18.56
N VAL A 325 1.42 -0.87 18.24
CA VAL A 325 0.83 -0.40 16.99
C VAL A 325 0.59 1.10 17.05
N CYS A 326 0.32 1.65 18.24
CA CYS A 326 0.18 3.10 18.38
C CYS A 326 1.46 3.80 17.99
N ILE A 327 2.59 3.36 18.58
CA ILE A 327 3.85 4.03 18.28
C ILE A 327 4.26 3.80 16.83
N LEU A 328 3.91 2.64 16.25
CA LEU A 328 4.24 2.40 14.84
C LEU A 328 3.47 3.34 13.93
N LEU A 329 2.17 3.53 14.16
CA LEU A 329 1.43 4.51 13.36
C LEU A 329 1.98 5.91 13.55
N TYR A 330 2.23 6.30 14.81
CA TYR A 330 2.68 7.66 15.09
C TYR A 330 4.02 7.95 14.46
N THR A 331 4.87 6.93 14.31
CA THR A 331 6.18 7.16 13.71
C THR A 331 6.15 6.97 12.20
N THR A 332 5.21 6.18 11.68
CA THR A 332 5.17 5.94 10.24
C THR A 332 4.54 7.11 9.50
N TYR A 333 3.51 7.73 10.10
CA TYR A 333 2.75 8.77 9.39
C TYR A 333 3.60 9.84 8.70
N PRO A 334 4.71 10.34 9.27
CA PRO A 334 5.48 11.36 8.54
C PRO A 334 6.06 10.86 7.22
N LEU A 335 6.58 9.63 7.19
CA LEU A 335 7.14 9.10 5.96
C LEU A 335 6.09 9.02 4.86
N LEU A 336 4.92 8.45 5.18
CA LEU A 336 3.85 8.37 4.20
C LEU A 336 3.38 9.76 3.77
N LYS A 337 3.31 10.70 4.71
CA LYS A 337 2.90 12.06 4.35
C LYS A 337 3.86 12.67 3.35
N GLU A 338 5.15 12.62 3.64
CA GLU A 338 6.15 13.18 2.74
C GLU A 338 6.10 12.52 1.37
N SER A 339 6.03 11.19 1.34
CA SER A 339 6.04 10.47 0.07
C SER A 339 4.81 10.82 -0.77
N ALA A 340 3.61 10.71 -0.18
CA ALA A 340 2.39 11.00 -0.92
C ALA A 340 2.35 12.47 -1.34
N LEU A 341 3.01 13.36 -0.60
CA LEU A 341 3.07 14.74 -1.04
C LEU A 341 4.00 14.90 -2.24
N ILE A 342 5.12 14.18 -2.24
CA ILE A 342 6.04 14.28 -3.37
C ILE A 342 5.41 13.72 -4.63
N LEU A 343 4.70 12.59 -4.53
CA LEU A 343 4.13 11.98 -5.72
C LEU A 343 2.94 12.74 -6.28
N LEU A 344 2.36 13.67 -5.54
CA LEU A 344 1.20 14.42 -6.00
C LEU A 344 1.57 15.67 -6.78
N GLN A 345 2.86 15.86 -7.11
CA GLN A 345 3.34 17.02 -7.84
C GLN A 345 3.14 18.31 -7.06
N THR A 346 3.31 18.27 -5.75
CA THR A 346 3.13 19.46 -4.94
C THR A 346 4.43 20.24 -4.82
N VAL A 347 4.28 21.54 -4.60
CA VAL A 347 5.44 22.43 -4.43
C VAL A 347 6.21 22.00 -3.19
N PRO A 348 7.55 21.96 -3.23
CA PRO A 348 8.31 21.67 -2.02
C PRO A 348 8.09 22.73 -0.94
N LYS A 349 8.66 22.46 0.23
CA LYS A 349 8.49 23.38 1.35
C LYS A 349 9.43 24.58 1.26
N GLN A 350 10.45 24.51 0.41
CA GLN A 350 11.49 25.54 0.45
C GLN A 350 11.04 26.82 -0.22
N ILE A 351 10.50 26.73 -1.43
CA ILE A 351 10.30 27.89 -2.27
C ILE A 351 8.94 28.53 -1.97
N ASP A 352 8.79 29.78 -2.44
CA ASP A 352 7.61 30.59 -2.14
C ASP A 352 7.04 31.13 -3.45
N ILE A 353 5.84 30.68 -3.80
CA ILE A 353 5.21 31.13 -5.04
C ILE A 353 4.82 32.60 -4.95
N ARG A 354 4.35 33.03 -3.78
CA ARG A 354 3.82 34.38 -3.63
C ARG A 354 4.88 35.44 -3.97
N ASN A 355 6.10 35.26 -3.49
CA ASN A 355 7.15 36.21 -3.85
C ASN A 355 7.87 35.82 -5.13
N LEU A 356 7.85 34.53 -5.49
CA LEU A 356 8.44 34.11 -6.76
C LEU A 356 7.79 34.84 -7.93
N ILE A 357 6.47 34.75 -8.03
CA ILE A 357 5.76 35.40 -9.13
C ILE A 357 5.95 36.90 -9.07
N LYS A 358 6.01 37.46 -7.85
CA LYS A 358 6.15 38.91 -7.73
C LYS A 358 7.49 39.39 -8.28
N GLU A 359 8.58 38.72 -7.89
CA GLU A 359 9.88 39.08 -8.46
C GLU A 359 9.88 38.87 -9.97
N LEU A 360 9.35 37.73 -10.43
CA LEU A 360 9.34 37.44 -11.86
C LEU A 360 8.62 38.53 -12.64
N ARG A 361 7.54 39.07 -12.08
CA ARG A 361 6.86 40.18 -12.73
C ARG A 361 7.68 41.45 -12.67
N ASN A 362 8.29 41.72 -11.51
CA ASN A 362 9.10 42.92 -11.36
C ASN A 362 10.29 42.94 -12.31
N VAL A 363 10.70 41.78 -12.84
CA VAL A 363 11.79 41.76 -13.81
C VAL A 363 11.45 42.66 -15.00
N GLU A 364 12.45 43.39 -15.47
CA GLU A 364 12.27 44.27 -16.61
C GLU A 364 12.04 43.45 -17.88
N GLY A 365 11.20 43.97 -18.76
CA GLY A 365 10.86 43.29 -20.01
C GLY A 365 9.63 42.42 -19.91
N VAL A 366 9.54 41.62 -18.85
CA VAL A 366 8.35 40.79 -18.66
C VAL A 366 7.13 41.67 -18.45
N GLU A 367 5.97 41.17 -18.85
CA GLU A 367 4.71 41.87 -18.63
C GLU A 367 3.73 41.10 -17.77
N GLU A 368 3.76 39.77 -17.82
CA GLU A 368 2.94 38.92 -16.96
C GLU A 368 3.48 37.50 -17.06
N VAL A 369 2.74 36.57 -16.48
CA VAL A 369 3.03 35.15 -16.61
C VAL A 369 1.69 34.41 -16.76
N HIS A 370 1.53 33.69 -17.86
CA HIS A 370 0.27 33.01 -18.11
C HIS A 370 0.08 31.84 -17.16
N GLU A 371 0.99 30.86 -17.20
CA GLU A 371 0.88 29.66 -16.40
C GLU A 371 2.23 29.37 -15.76
N LEU A 372 2.24 29.13 -14.46
CA LEU A 372 3.45 28.81 -13.72
C LEU A 372 3.29 27.44 -13.08
N HIS A 373 4.25 26.57 -13.30
CA HIS A 373 4.22 25.21 -12.77
C HIS A 373 5.54 24.89 -12.11
N VAL A 374 5.48 24.38 -10.88
CA VAL A 374 6.66 23.93 -10.15
C VAL A 374 6.32 22.61 -9.47
N TRP A 375 7.26 21.68 -9.49
CA TRP A 375 7.09 20.42 -8.80
C TRP A 375 8.47 19.82 -8.54
N GLN A 376 8.48 18.73 -7.78
CA GLN A 376 9.71 18.05 -7.38
C GLN A 376 9.76 16.68 -8.05
N LEU A 377 10.76 16.47 -8.90
CA LEU A 377 10.86 15.22 -9.63
C LEU A 377 11.04 14.05 -8.69
N ALA A 378 12.20 13.96 -8.04
CA ALA A 378 12.40 12.98 -6.98
C ALA A 378 13.04 13.55 -5.73
N GLY A 379 13.98 14.46 -5.88
CA GLY A 379 14.77 14.92 -4.75
C GLY A 379 15.17 16.38 -4.82
N SER A 380 16.46 16.65 -4.65
CA SER A 380 16.93 18.03 -4.66
C SER A 380 16.76 18.67 -6.03
N ARG A 381 16.70 17.87 -7.10
CA ARG A 381 16.54 18.41 -8.45
C ARG A 381 15.07 18.58 -8.74
N ILE A 382 14.63 19.83 -8.87
CA ILE A 382 13.23 20.15 -9.13
C ILE A 382 13.13 20.93 -10.43
N ILE A 383 11.94 20.88 -11.03
CA ILE A 383 11.71 21.41 -12.37
C ILE A 383 10.65 22.50 -12.27
N ALA A 384 10.67 23.42 -13.25
CA ALA A 384 9.69 24.49 -13.28
C ALA A 384 9.50 24.97 -14.71
N THR A 385 8.26 25.34 -15.05
CA THR A 385 7.93 25.88 -16.36
C THR A 385 7.13 27.16 -16.19
N ALA A 386 7.11 27.98 -17.24
CA ALA A 386 6.43 29.25 -17.19
C ALA A 386 6.01 29.67 -18.59
N HIS A 387 5.33 30.80 -18.67
CA HIS A 387 4.82 31.36 -19.92
C HIS A 387 5.07 32.86 -19.97
N ILE A 388 6.28 33.28 -19.62
CA ILE A 388 6.56 34.71 -19.55
C ILE A 388 6.34 35.35 -20.91
N LYS A 389 6.03 36.63 -20.90
CA LYS A 389 5.68 37.35 -22.12
C LYS A 389 6.52 38.61 -22.23
N CYS A 390 7.05 38.84 -23.43
CA CYS A 390 7.89 39.99 -23.72
C CYS A 390 7.19 40.87 -24.75
N GLU A 391 7.92 41.89 -25.24
CA GLU A 391 7.39 42.79 -26.25
C GLU A 391 8.26 42.90 -27.49
N ASP A 392 9.56 42.60 -27.41
CA ASP A 392 10.43 42.71 -28.56
C ASP A 392 11.17 41.40 -28.78
N PRO A 393 11.10 40.83 -29.98
CA PRO A 393 11.80 39.57 -30.24
C PRO A 393 13.27 39.79 -30.58
N THR A 394 13.65 41.04 -30.83
CA THR A 394 15.05 41.33 -31.16
C THR A 394 15.96 41.01 -29.99
N SER A 395 15.53 41.33 -28.78
CA SER A 395 16.30 41.04 -27.56
C SER A 395 15.44 40.12 -26.69
N TYR A 396 15.82 38.84 -26.63
CA TYR A 396 15.12 37.91 -25.78
C TYR A 396 16.07 37.12 -24.90
N MET A 397 17.30 36.89 -25.38
CA MET A 397 18.23 36.06 -24.62
C MET A 397 18.69 36.74 -23.33
N GLU A 398 18.73 38.07 -23.32
CA GLU A 398 19.11 38.76 -22.09
C GLU A 398 18.07 38.53 -20.99
N VAL A 399 16.80 38.76 -21.29
CA VAL A 399 15.77 38.53 -20.29
C VAL A 399 15.66 37.05 -19.98
N ALA A 400 15.99 36.18 -20.93
CA ALA A 400 16.01 34.75 -20.64
C ALA A 400 17.06 34.42 -19.60
N LYS A 401 18.27 34.96 -19.76
CA LYS A 401 19.32 34.74 -18.76
C LYS A 401 18.92 35.36 -17.42
N THR A 402 18.23 36.50 -17.45
CA THR A 402 17.80 37.13 -16.20
C THR A 402 16.81 36.24 -15.46
N ILE A 403 15.81 35.71 -16.17
CA ILE A 403 14.85 34.81 -15.54
C ILE A 403 15.54 33.54 -15.05
N LYS A 404 16.51 33.05 -15.81
CA LYS A 404 17.24 31.86 -15.40
C LYS A 404 17.98 32.10 -14.09
N ASP A 405 18.64 33.25 -13.95
CA ASP A 405 19.37 33.51 -12.71
C ASP A 405 18.43 33.83 -11.56
N VAL A 406 17.24 34.37 -11.85
CA VAL A 406 16.25 34.54 -10.79
C VAL A 406 15.84 33.17 -10.24
N PHE A 407 15.47 32.26 -11.13
CA PHE A 407 15.16 30.90 -10.69
C PHE A 407 16.33 30.28 -9.93
N HIS A 408 17.56 30.48 -10.44
CA HIS A 408 18.75 29.94 -9.78
C HIS A 408 18.86 30.43 -8.34
N ASN A 409 18.82 31.74 -8.15
CA ASN A 409 18.86 32.32 -6.81
C ASN A 409 17.66 31.94 -5.97
N HIS A 410 16.58 31.47 -6.59
CA HIS A 410 15.39 31.03 -5.87
C HIS A 410 15.25 29.52 -5.87
N GLY A 411 16.35 28.79 -5.80
CA GLY A 411 16.22 27.35 -5.76
C GLY A 411 16.31 26.69 -7.12
N ILE A 412 15.15 26.51 -7.75
CA ILE A 412 14.93 25.74 -8.97
C ILE A 412 16.03 25.97 -10.00
N HIS A 413 16.50 24.88 -10.64
CA HIS A 413 17.50 24.98 -11.68
C HIS A 413 17.10 24.38 -13.02
N ALA A 414 16.09 23.51 -13.06
CA ALA A 414 15.59 22.96 -14.33
C ALA A 414 14.46 23.83 -14.82
N THR A 415 14.70 24.61 -15.86
CA THR A 415 13.79 25.65 -16.30
C THR A 415 13.34 25.40 -17.73
N THR A 416 12.14 25.90 -18.06
CA THR A 416 11.63 25.90 -19.43
C THR A 416 10.60 27.01 -19.52
N ILE A 417 10.99 28.13 -20.14
CA ILE A 417 10.15 29.31 -20.23
C ILE A 417 9.91 29.64 -21.70
N GLN A 418 8.67 29.96 -22.05
CA GLN A 418 8.28 30.18 -23.43
C GLN A 418 7.84 31.62 -23.62
N PRO A 419 8.44 32.36 -24.53
CA PRO A 419 8.07 33.76 -24.72
C PRO A 419 6.87 33.97 -25.61
N GLU A 420 5.66 33.93 -25.03
CA GLU A 420 4.47 34.18 -25.82
C GLU A 420 4.44 35.64 -26.23
N PHE A 421 4.95 35.94 -27.41
CA PHE A 421 5.10 37.32 -27.85
C PHE A 421 3.75 37.95 -28.15
N ALA A 422 3.78 39.21 -28.57
CA ALA A 422 2.56 39.94 -28.90
C ALA A 422 2.51 40.28 -30.38
N GLY B 5 -20.90 12.58 -8.19
CA GLY B 5 -22.31 12.73 -7.86
C GLY B 5 -23.01 11.39 -7.71
N ARG B 6 -23.34 10.76 -8.83
CA ARG B 6 -23.98 9.46 -8.79
C ARG B 6 -23.03 8.40 -8.25
N ASN B 7 -21.76 8.46 -8.63
CA ASN B 7 -20.77 7.56 -8.05
C ASN B 7 -20.62 7.81 -6.55
N ARG B 8 -20.71 9.07 -6.13
CA ARG B 8 -20.68 9.39 -4.71
C ARG B 8 -21.84 8.74 -3.99
N GLY B 9 -23.05 8.86 -4.55
CA GLY B 9 -24.20 8.21 -3.94
C GLY B 9 -24.06 6.70 -3.91
N ARG B 10 -23.46 6.13 -4.96
CA ARG B 10 -23.21 4.69 -4.97
C ARG B 10 -22.29 4.28 -3.85
N LEU B 11 -21.18 5.00 -3.68
CA LEU B 11 -20.28 4.72 -2.56
C LEU B 11 -21.00 4.84 -1.23
N LEU B 12 -21.82 5.89 -1.09
CA LEU B 12 -22.54 6.10 0.17
C LEU B 12 -23.49 4.95 0.48
N CYS B 13 -24.28 4.54 -0.52
CA CYS B 13 -25.23 3.46 -0.29
C CYS B 13 -24.52 2.15 -0.01
N MET B 14 -23.42 1.89 -0.71
CA MET B 14 -22.68 0.65 -0.46
C MET B 14 -22.08 0.63 0.94
N LEU B 15 -21.52 1.77 1.39
CA LEU B 15 -20.98 1.84 2.74
C LEU B 15 -22.07 1.65 3.78
N ALA B 16 -23.24 2.28 3.56
CA ALA B 16 -24.36 2.09 4.46
C ALA B 16 -24.76 0.63 4.52
N LEU B 17 -24.76 -0.06 3.37
CA LEU B 17 -25.10 -1.47 3.36
C LEU B 17 -24.07 -2.30 4.12
N THR B 18 -22.79 -1.96 3.99
CA THR B 18 -21.77 -2.67 4.76
C THR B 18 -21.99 -2.52 6.25
N PHE B 19 -22.29 -1.30 6.70
CA PHE B 19 -22.49 -1.10 8.13
C PHE B 19 -23.75 -1.79 8.62
N MET B 20 -24.82 -1.77 7.83
CA MET B 20 -26.03 -2.51 8.19
C MET B 20 -25.74 -4.00 8.26
N PHE B 21 -24.90 -4.51 7.35
CA PHE B 21 -24.56 -5.93 7.37
C PHE B 21 -23.73 -6.28 8.59
N MET B 22 -22.82 -5.38 9.00
CA MET B 22 -22.07 -5.60 10.23
C MET B 22 -23.00 -5.63 11.43
N VAL B 23 -23.98 -4.72 11.47
CA VAL B 23 -24.97 -4.74 12.53
C VAL B 23 -25.75 -6.05 12.52
N LEU B 24 -26.07 -6.56 11.33
CA LEU B 24 -26.78 -7.83 11.23
C LEU B 24 -25.93 -8.96 11.77
N GLU B 25 -24.63 -8.96 11.46
CA GLU B 25 -23.76 -10.02 11.97
C GLU B 25 -23.68 -9.98 13.49
N VAL B 26 -23.54 -8.79 14.07
CA VAL B 26 -23.44 -8.73 15.54
C VAL B 26 -24.77 -9.11 16.18
N VAL B 27 -25.89 -8.76 15.53
CA VAL B 27 -27.20 -9.14 16.06
C VAL B 27 -27.42 -10.65 16.00
N VAL B 28 -26.97 -11.30 14.93
CA VAL B 28 -27.14 -12.75 14.85
C VAL B 28 -26.13 -13.47 15.75
N SER B 29 -24.99 -12.84 16.01
CA SER B 29 -24.05 -13.41 16.97
C SER B 29 -24.59 -13.30 18.39
N ARG B 30 -25.30 -12.23 18.71
CA ARG B 30 -25.99 -12.16 20.01
C ARG B 30 -26.90 -13.35 20.22
N VAL B 31 -27.54 -13.84 19.15
CA VAL B 31 -28.42 -15.00 19.24
C VAL B 31 -27.67 -16.32 19.21
N THR B 32 -26.54 -16.40 18.49
CA THR B 32 -25.82 -17.65 18.35
C THR B 32 -24.82 -17.90 19.47
N SER B 33 -24.47 -16.87 20.25
CA SER B 33 -23.49 -16.98 21.33
C SER B 33 -22.15 -17.49 20.79
N SER B 34 -21.67 -16.85 19.73
CA SER B 34 -20.45 -17.26 19.04
C SER B 34 -19.50 -16.08 18.91
N LEU B 35 -18.23 -16.30 19.28
CA LEU B 35 -17.19 -15.31 19.09
C LEU B 35 -16.60 -15.34 17.69
N ALA B 36 -16.69 -16.49 17.01
CA ALA B 36 -16.21 -16.57 15.63
C ALA B 36 -16.95 -15.59 14.74
N MET B 37 -18.22 -15.34 15.03
CA MET B 37 -18.96 -14.35 14.27
C MET B 37 -18.43 -12.94 14.54
N LEU B 38 -18.03 -12.67 15.78
CA LEU B 38 -17.39 -11.39 16.07
C LEU B 38 -16.08 -11.26 15.30
N SER B 39 -15.31 -12.35 15.21
CA SER B 39 -14.08 -12.34 14.42
C SER B 39 -14.37 -12.05 12.95
N ASP B 40 -15.39 -12.71 12.39
CA ASP B 40 -15.73 -12.49 10.99
C ASP B 40 -16.19 -11.05 10.75
N SER B 41 -16.96 -10.50 11.68
CA SER B 41 -17.40 -9.11 11.54
C SER B 41 -16.21 -8.15 11.60
N PHE B 42 -15.33 -8.34 12.57
CA PHE B 42 -14.18 -7.45 12.70
C PHE B 42 -13.25 -7.58 11.50
N HIS B 43 -13.22 -8.75 10.86
CA HIS B 43 -12.38 -8.88 9.67
C HIS B 43 -13.05 -8.30 8.44
N MET B 44 -14.38 -8.38 8.35
CA MET B 44 -15.07 -7.74 7.23
C MET B 44 -15.13 -6.23 7.39
N LEU B 45 -14.82 -5.72 8.59
CA LEU B 45 -14.71 -4.28 8.80
C LEU B 45 -13.69 -3.63 7.87
N SER B 46 -12.69 -4.39 7.40
CA SER B 46 -11.59 -3.81 6.63
C SER B 46 -12.05 -3.20 5.32
N ASP B 47 -13.27 -3.49 4.86
CA ASP B 47 -13.77 -2.85 3.65
C ASP B 47 -14.08 -1.37 3.86
N VAL B 48 -14.38 -0.97 5.10
CA VAL B 48 -14.64 0.43 5.39
C VAL B 48 -13.42 1.29 5.09
N LEU B 49 -12.22 0.76 5.31
CA LEU B 49 -11.01 1.50 4.99
C LEU B 49 -10.94 1.82 3.51
N ALA B 50 -11.09 0.81 2.66
CA ALA B 50 -11.02 1.05 1.22
C ALA B 50 -12.15 1.96 0.77
N LEU B 51 -13.34 1.81 1.35
CA LEU B 51 -14.46 2.65 0.94
C LEU B 51 -14.21 4.11 1.30
N VAL B 52 -13.66 4.38 2.48
CA VAL B 52 -13.39 5.76 2.86
C VAL B 52 -12.21 6.32 2.08
N VAL B 53 -11.26 5.46 1.68
CA VAL B 53 -10.17 5.93 0.82
C VAL B 53 -10.74 6.39 -0.52
N ALA B 54 -11.58 5.56 -1.14
CA ALA B 54 -12.24 5.96 -2.37
C ALA B 54 -13.07 7.22 -2.16
N LEU B 55 -13.71 7.34 -0.99
CA LEU B 55 -14.53 8.50 -0.70
C LEU B 55 -13.70 9.78 -0.70
N VAL B 56 -12.61 9.79 0.05
CA VAL B 56 -11.78 10.99 0.12
C VAL B 56 -11.11 11.27 -1.23
N ALA B 57 -10.81 10.22 -2.00
CA ALA B 57 -10.27 10.43 -3.33
C ALA B 57 -11.26 11.15 -4.22
N GLU B 58 -12.52 10.68 -4.22
CA GLU B 58 -13.54 11.33 -5.02
C GLU B 58 -13.82 12.74 -4.51
N ARG B 59 -13.68 12.96 -3.21
CA ARG B 59 -13.90 14.30 -2.68
C ARG B 59 -12.81 15.27 -3.14
N PHE B 60 -11.56 14.82 -3.18
CA PHE B 60 -10.48 15.67 -3.65
C PHE B 60 -10.39 15.76 -5.16
N ALA B 61 -11.05 14.88 -5.90
CA ALA B 61 -10.99 14.93 -7.36
C ALA B 61 -11.52 16.27 -7.89
N ARG B 62 -12.57 16.79 -7.27
CA ARG B 62 -13.23 18.00 -7.75
C ARG B 62 -12.50 19.28 -7.38
N ARG B 63 -11.23 19.19 -6.95
CA ARG B 63 -10.49 20.39 -6.64
C ARG B 63 -10.14 21.18 -7.89
N THR B 64 -9.37 20.56 -8.80
CA THR B 64 -9.01 21.10 -10.12
C THR B 64 -8.75 22.60 -10.09
N HIS B 65 -8.03 23.06 -9.06
CA HIS B 65 -7.79 24.48 -8.84
C HIS B 65 -6.31 24.73 -8.60
N ALA B 66 -5.79 25.80 -9.19
CA ALA B 66 -4.42 26.20 -8.94
C ALA B 66 -4.36 26.97 -7.63
N THR B 67 -3.47 26.53 -6.73
CA THR B 67 -3.40 27.11 -5.39
C THR B 67 -2.00 27.57 -5.06
N GLN B 68 -1.78 27.95 -3.80
CA GLN B 68 -0.44 28.28 -3.33
C GLN B 68 0.40 27.03 -3.08
N LYS B 69 -0.23 25.85 -3.13
CA LYS B 69 0.47 24.58 -3.05
C LYS B 69 -0.05 23.67 -4.15
N ASN B 70 0.85 22.90 -4.75
CA ASN B 70 0.50 21.96 -5.81
C ASN B 70 -0.19 22.69 -6.97
N THR B 71 0.60 23.54 -7.63
CA THR B 71 0.07 24.45 -8.64
C THR B 71 -0.67 23.73 -9.76
N PHE B 72 -0.58 22.40 -9.84
CA PHE B 72 -1.35 21.67 -10.84
C PHE B 72 -2.79 21.47 -10.42
N GLY B 73 -3.05 21.37 -9.12
CA GLY B 73 -4.36 20.98 -8.63
C GLY B 73 -4.43 19.50 -8.33
N TRP B 74 -5.20 19.16 -7.30
CA TRP B 74 -5.24 17.80 -6.78
C TRP B 74 -6.02 16.90 -7.76
N ILE B 75 -5.36 16.59 -8.87
CA ILE B 75 -5.98 15.79 -9.92
C ILE B 75 -5.49 14.37 -9.82
N ARG B 76 -4.33 14.18 -9.18
CA ARG B 76 -3.77 12.84 -9.01
C ARG B 76 -4.35 12.11 -7.80
N ALA B 77 -5.37 12.68 -7.15
CA ALA B 77 -6.00 12.00 -6.02
C ALA B 77 -6.61 10.68 -6.45
N GLU B 78 -7.22 10.65 -7.63
CA GLU B 78 -7.81 9.41 -8.15
C GLU B 78 -6.76 8.32 -8.27
N VAL B 79 -5.64 8.63 -8.92
CA VAL B 79 -4.59 7.63 -9.12
C VAL B 79 -4.01 7.20 -7.78
N MET B 80 -3.83 8.15 -6.86
CA MET B 80 -3.30 7.79 -5.54
C MET B 80 -4.25 6.85 -4.80
N GLY B 81 -5.55 7.12 -4.89
CA GLY B 81 -6.51 6.22 -4.27
C GLY B 81 -6.49 4.83 -4.88
N ALA B 82 -6.38 4.76 -6.20
CA ALA B 82 -6.29 3.46 -6.85
C ALA B 82 -5.05 2.69 -6.40
N LEU B 83 -3.91 3.38 -6.30
CA LEU B 83 -2.69 2.71 -5.88
C LEU B 83 -2.79 2.24 -4.44
N VAL B 84 -3.37 3.07 -3.55
CA VAL B 84 -3.54 2.67 -2.16
C VAL B 84 -4.43 1.43 -2.08
N ASN B 85 -5.53 1.42 -2.83
CA ASN B 85 -6.42 0.26 -2.82
C ASN B 85 -5.69 -0.98 -3.30
N ALA B 86 -4.90 -0.87 -4.37
CA ALA B 86 -4.20 -2.04 -4.90
C ALA B 86 -3.20 -2.59 -3.89
N ILE B 87 -2.38 -1.72 -3.30
CA ILE B 87 -1.38 -2.20 -2.35
C ILE B 87 -2.05 -2.80 -1.12
N PHE B 88 -3.10 -2.13 -0.62
CA PHE B 88 -3.83 -2.65 0.53
C PHE B 88 -4.40 -4.03 0.24
N LEU B 89 -4.99 -4.21 -0.94
CA LEU B 89 -5.57 -5.50 -1.29
C LEU B 89 -4.50 -6.56 -1.39
N THR B 90 -3.33 -6.23 -1.95
CA THR B 90 -2.26 -7.22 -2.02
C THR B 90 -1.78 -7.63 -0.63
N GLY B 91 -1.67 -6.67 0.28
CA GLY B 91 -1.29 -7.01 1.65
C GLY B 91 -2.33 -7.89 2.33
N LEU B 92 -3.60 -7.55 2.16
CA LEU B 92 -4.66 -8.38 2.73
C LEU B 92 -4.65 -9.79 2.12
N CYS B 93 -4.35 -9.87 0.83
CA CYS B 93 -4.25 -11.17 0.17
C CYS B 93 -3.10 -12.00 0.77
N PHE B 94 -1.97 -11.36 1.04
CA PHE B 94 -0.88 -12.04 1.71
C PHE B 94 -1.31 -12.58 3.07
N ALA B 95 -2.00 -11.75 3.85
CA ALA B 95 -2.46 -12.18 5.17
C ALA B 95 -3.43 -13.36 5.06
N ILE B 96 -4.35 -13.29 4.10
CA ILE B 96 -5.32 -14.36 3.92
C ILE B 96 -4.63 -15.65 3.52
N LEU B 97 -3.62 -15.55 2.65
CA LEU B 97 -2.87 -16.75 2.27
C LEU B 97 -2.14 -17.35 3.47
N LEU B 98 -1.61 -16.50 4.35
CA LEU B 98 -0.95 -17.01 5.55
C LEU B 98 -1.93 -17.77 6.44
N GLU B 99 -3.08 -17.15 6.73
CA GLU B 99 -4.08 -17.84 7.55
C GLU B 99 -4.56 -19.12 6.86
N ALA B 100 -4.63 -19.10 5.54
CA ALA B 100 -5.10 -20.28 4.81
C ALA B 100 -4.13 -21.43 4.93
N ILE B 101 -2.83 -21.17 4.77
CA ILE B 101 -1.87 -22.26 4.90
C ILE B 101 -1.80 -22.74 6.34
N GLU B 102 -1.98 -21.83 7.31
CA GLU B 102 -2.03 -22.26 8.70
C GLU B 102 -3.19 -23.22 8.94
N ARG B 103 -4.40 -22.83 8.51
CA ARG B 103 -5.56 -23.70 8.66
C ARG B 103 -5.43 -24.98 7.82
N PHE B 104 -4.65 -24.93 6.74
CA PHE B 104 -4.43 -26.12 5.94
C PHE B 104 -3.53 -27.10 6.66
N ILE B 105 -2.59 -26.59 7.45
CA ILE B 105 -1.75 -27.48 8.25
C ILE B 105 -2.53 -27.98 9.47
N GLU B 106 -3.45 -27.17 9.98
CA GLU B 106 -4.30 -27.56 11.11
C GLU B 106 -5.78 -27.43 10.73
N PRO B 107 -6.43 -28.53 10.33
CA PRO B 107 -7.82 -28.42 9.87
C PRO B 107 -8.82 -28.24 11.00
N HIS B 108 -9.03 -27.00 11.41
CA HIS B 108 -10.05 -26.71 12.42
C HIS B 108 -11.44 -27.07 11.92
N GLU B 109 -12.27 -27.59 12.82
CA GLU B 109 -13.61 -28.02 12.47
C GLU B 109 -14.52 -26.82 12.20
N MET B 110 -15.65 -27.10 11.56
CA MET B 110 -16.63 -26.09 11.18
C MET B 110 -17.73 -26.03 12.23
N GLN B 111 -18.34 -24.86 12.36
CA GLN B 111 -19.37 -24.64 13.38
C GLN B 111 -20.55 -23.87 12.80
N GLN B 112 -21.76 -24.34 13.14
CA GLN B 112 -23.04 -23.67 12.89
C GLN B 112 -23.32 -23.46 11.41
N PRO B 113 -23.34 -24.54 10.61
CA PRO B 113 -23.46 -24.36 9.16
C PRO B 113 -24.77 -23.75 8.71
N LEU B 114 -25.88 -23.95 9.42
CA LEU B 114 -27.15 -23.39 8.97
C LEU B 114 -27.14 -21.87 9.04
N VAL B 115 -26.77 -21.32 10.19
CA VAL B 115 -26.74 -19.86 10.32
C VAL B 115 -25.61 -19.27 9.48
N VAL B 116 -24.51 -20.01 9.34
CA VAL B 116 -23.49 -19.54 8.40
C VAL B 116 -24.05 -19.47 6.99
N LEU B 117 -24.89 -20.43 6.59
CA LEU B 117 -25.55 -20.36 5.30
C LEU B 117 -26.45 -19.15 5.19
N GLY B 118 -27.24 -18.90 6.23
CA GLY B 118 -28.12 -17.74 6.21
C GLY B 118 -27.37 -16.45 5.99
N VAL B 119 -26.37 -16.19 6.84
CA VAL B 119 -25.60 -14.97 6.71
C VAL B 119 -24.78 -14.97 5.42
N GLY B 120 -24.44 -16.15 4.90
CA GLY B 120 -23.67 -16.21 3.67
C GLY B 120 -24.49 -15.86 2.46
N VAL B 121 -25.76 -16.29 2.43
CA VAL B 121 -26.64 -15.88 1.34
C VAL B 121 -26.98 -14.41 1.48
N ALA B 122 -27.11 -13.92 2.70
CA ALA B 122 -27.28 -12.48 2.90
C ALA B 122 -26.13 -11.71 2.28
N GLY B 123 -24.90 -12.06 2.67
CA GLY B 123 -23.73 -11.41 2.10
C GLY B 123 -23.61 -11.64 0.61
N LEU B 124 -24.05 -12.80 0.13
CA LEU B 124 -24.06 -13.08 -1.30
C LEU B 124 -24.91 -12.07 -2.05
N LEU B 125 -26.16 -11.91 -1.64
CA LEU B 125 -27.05 -10.98 -2.35
C LEU B 125 -26.56 -9.55 -2.21
N VAL B 126 -26.08 -9.17 -1.02
CA VAL B 126 -25.60 -7.80 -0.82
C VAL B 126 -24.39 -7.54 -1.72
N ASN B 127 -23.44 -8.46 -1.77
CA ASN B 127 -22.23 -8.24 -2.55
C ASN B 127 -22.51 -8.31 -4.03
N VAL B 128 -23.47 -9.12 -4.45
CA VAL B 128 -23.84 -9.15 -5.86
C VAL B 128 -24.53 -7.84 -6.25
N LEU B 129 -25.36 -7.30 -5.35
CA LEU B 129 -25.92 -5.98 -5.61
C LEU B 129 -24.83 -4.92 -5.73
N GLY B 130 -23.85 -4.96 -4.83
CA GLY B 130 -22.76 -4.01 -4.90
C GLY B 130 -21.94 -4.17 -6.17
N LEU B 131 -21.74 -5.41 -6.62
CA LEU B 131 -21.01 -5.65 -7.85
C LEU B 131 -21.78 -5.12 -9.06
N CYS B 132 -23.09 -5.40 -9.11
CA CYS B 132 -23.91 -4.84 -10.18
C CYS B 132 -23.87 -3.33 -10.17
N LEU B 133 -23.75 -2.73 -8.98
CA LEU B 133 -23.55 -1.28 -8.90
C LEU B 133 -22.21 -0.89 -9.51
N PHE B 134 -21.14 -1.58 -9.13
CA PHE B 134 -19.80 -1.26 -9.62
C PHE B 134 -19.42 -2.18 -10.78
N HIS B 135 -20.15 -2.07 -11.89
CA HIS B 135 -19.80 -2.80 -13.10
C HIS B 135 -19.61 -1.89 -14.31
N HIS B 136 -19.99 -0.62 -14.21
CA HIS B 136 -19.74 0.34 -15.28
C HIS B 136 -18.28 0.79 -15.34
N HIS B 137 -17.41 0.24 -14.49
CA HIS B 137 -16.01 0.64 -14.43
C HIS B 137 -15.07 -0.56 -14.43
N SER B 138 -15.48 -1.67 -15.03
CA SER B 138 -14.66 -2.88 -15.06
C SER B 138 -13.43 -2.69 -15.93
N ASP B 238 -12.80 11.92 -16.28
CA ASP B 238 -12.96 10.92 -17.32
C ASP B 238 -12.44 9.56 -16.85
N ARG B 239 -11.29 9.16 -17.39
CA ARG B 239 -10.74 7.84 -17.10
C ARG B 239 -10.39 7.66 -15.63
N ALA B 240 -9.98 8.74 -14.94
CA ALA B 240 -9.54 8.61 -13.55
C ALA B 240 -10.65 8.03 -12.67
N GLY B 241 -11.91 8.33 -13.00
CA GLY B 241 -13.01 7.77 -12.22
C GLY B 241 -13.00 6.26 -12.23
N GLN B 242 -12.98 5.65 -13.41
CA GLN B 242 -12.89 4.20 -13.50
C GLN B 242 -11.59 3.70 -12.90
N LEU B 243 -10.51 4.45 -13.08
CA LEU B 243 -9.22 4.05 -12.53
C LEU B 243 -9.28 3.87 -11.03
N ASN B 244 -9.98 4.78 -10.34
CA ASN B 244 -10.15 4.62 -8.89
C ASN B 244 -11.16 3.54 -8.57
N MET B 245 -12.33 3.56 -9.23
CA MET B 245 -13.39 2.62 -8.90
C MET B 245 -13.00 1.17 -9.15
N ARG B 246 -11.97 0.92 -9.96
CA ARG B 246 -11.53 -0.46 -10.14
C ARG B 246 -11.06 -1.08 -8.82
N GLY B 247 -10.52 -0.28 -7.91
CA GLY B 247 -10.10 -0.81 -6.63
C GLY B 247 -11.27 -1.33 -5.79
N VAL B 248 -12.30 -0.50 -5.64
CA VAL B 248 -13.46 -0.94 -4.88
C VAL B 248 -14.18 -2.07 -5.62
N PHE B 249 -14.08 -2.10 -6.96
CA PHE B 249 -14.65 -3.23 -7.69
C PHE B 249 -13.91 -4.52 -7.36
N LEU B 250 -12.58 -4.46 -7.30
CA LEU B 250 -11.80 -5.64 -6.94
C LEU B 250 -12.15 -6.10 -5.52
N HIS B 251 -12.29 -5.14 -4.60
CA HIS B 251 -12.62 -5.52 -3.23
C HIS B 251 -14.02 -6.12 -3.14
N VAL B 252 -14.98 -5.58 -3.88
CA VAL B 252 -16.33 -6.14 -3.86
C VAL B 252 -16.35 -7.52 -4.50
N LEU B 253 -15.52 -7.72 -5.54
CA LEU B 253 -15.40 -9.06 -6.10
C LEU B 253 -14.82 -10.03 -5.09
N GLY B 254 -13.80 -9.60 -4.34
CA GLY B 254 -13.29 -10.45 -3.28
C GLY B 254 -14.34 -10.77 -2.23
N ASP B 255 -15.15 -9.77 -1.87
CA ASP B 255 -16.24 -9.99 -0.92
C ASP B 255 -17.22 -11.03 -1.44
N ALA B 256 -17.70 -10.86 -2.67
CA ALA B 256 -18.69 -11.77 -3.23
C ALA B 256 -18.10 -13.17 -3.40
N LEU B 257 -16.82 -13.26 -3.74
CA LEU B 257 -16.21 -14.57 -3.89
C LEU B 257 -16.02 -15.26 -2.55
N GLY B 258 -15.69 -14.49 -1.50
CA GLY B 258 -15.70 -15.05 -0.16
C GLY B 258 -17.07 -15.55 0.24
N SER B 259 -18.12 -14.80 -0.12
CA SER B 259 -19.48 -15.26 0.15
C SER B 259 -19.78 -16.56 -0.58
N VAL B 260 -19.40 -16.65 -1.86
CA VAL B 260 -19.63 -17.86 -2.63
C VAL B 260 -18.91 -19.05 -2.01
N ILE B 261 -17.63 -18.85 -1.67
CA ILE B 261 -16.85 -19.97 -1.14
C ILE B 261 -17.38 -20.41 0.21
N VAL B 262 -17.81 -19.47 1.05
CA VAL B 262 -18.29 -19.88 2.37
C VAL B 262 -19.65 -20.56 2.25
N VAL B 263 -20.48 -20.12 1.31
CA VAL B 263 -21.77 -20.79 1.11
C VAL B 263 -21.56 -22.21 0.61
N VAL B 264 -20.64 -22.39 -0.35
CA VAL B 264 -20.40 -23.72 -0.88
C VAL B 264 -19.81 -24.63 0.20
N ASN B 265 -18.89 -24.11 1.01
CA ASN B 265 -18.34 -24.90 2.11
C ASN B 265 -19.41 -25.26 3.11
N ALA B 266 -20.33 -24.33 3.39
CA ALA B 266 -21.43 -24.61 4.30
C ALA B 266 -22.28 -25.75 3.79
N LEU B 267 -22.68 -25.71 2.51
CA LEU B 267 -23.45 -26.82 1.96
C LEU B 267 -22.65 -28.10 1.91
N VAL B 268 -21.33 -28.01 1.72
CA VAL B 268 -20.51 -29.23 1.71
C VAL B 268 -20.59 -29.92 3.06
N PHE B 269 -20.37 -29.16 4.14
CA PHE B 269 -20.53 -29.74 5.46
C PHE B 269 -21.95 -30.25 5.66
N TYR B 270 -22.94 -29.45 5.27
CA TYR B 270 -24.34 -29.82 5.42
C TYR B 270 -24.65 -31.16 4.75
N PHE B 271 -24.01 -31.44 3.64
CA PHE B 271 -24.38 -32.59 2.83
C PHE B 271 -23.41 -33.75 2.91
N SER B 272 -22.27 -33.60 3.60
CA SER B 272 -21.35 -34.72 3.69
C SER B 272 -20.68 -34.88 5.06
N TRP B 273 -21.04 -34.10 6.07
CA TRP B 273 -20.38 -34.19 7.36
C TRP B 273 -21.39 -34.55 8.43
N LYS B 274 -21.57 -35.86 8.67
CA LYS B 274 -22.39 -36.29 9.80
C LYS B 274 -21.70 -35.98 11.12
N GLY B 275 -20.38 -35.79 11.08
CA GLY B 275 -19.61 -35.28 12.20
C GLY B 275 -19.91 -35.90 13.56
N CYS B 276 -19.68 -37.21 13.67
CA CYS B 276 -19.88 -37.87 14.96
C CYS B 276 -18.78 -37.40 15.90
N SER B 277 -19.07 -36.34 16.67
CA SER B 277 -18.05 -35.75 17.53
C SER B 277 -18.51 -35.44 18.95
N GLU B 278 -19.82 -35.37 19.21
CA GLU B 278 -20.31 -34.96 20.52
C GLU B 278 -21.52 -35.79 20.90
N GLY B 279 -21.83 -35.76 22.19
CA GLY B 279 -23.05 -36.38 22.72
C GLY B 279 -22.94 -37.86 22.96
N ASP B 280 -23.03 -38.65 21.90
CA ASP B 280 -22.93 -40.10 22.01
C ASP B 280 -21.47 -40.52 21.84
N PHE B 281 -21.23 -41.82 21.67
CA PHE B 281 -19.87 -42.28 21.42
C PHE B 281 -19.42 -41.75 20.07
N CYS B 282 -18.51 -40.76 20.10
CA CYS B 282 -18.20 -39.97 18.91
C CYS B 282 -16.81 -39.37 19.06
N VAL B 283 -15.94 -39.68 18.10
CA VAL B 283 -14.60 -39.11 18.01
C VAL B 283 -14.32 -38.75 16.56
N ASN B 284 -13.13 -38.20 16.31
CA ASN B 284 -12.72 -37.88 14.96
C ASN B 284 -11.28 -38.30 14.73
N PRO B 285 -11.02 -39.17 13.76
CA PRO B 285 -9.66 -39.68 13.58
C PRO B 285 -8.76 -38.68 12.91
N CYS B 286 -9.33 -37.74 12.17
CA CYS B 286 -8.54 -36.81 11.39
C CYS B 286 -8.12 -35.59 12.19
N PHE B 287 -8.74 -35.32 13.32
CA PHE B 287 -8.29 -34.22 14.16
C PHE B 287 -6.94 -34.59 14.79
N PRO B 288 -5.96 -33.69 14.80
CA PRO B 288 -4.65 -34.05 15.35
C PRO B 288 -4.69 -34.41 16.83
N ASP B 289 -5.28 -33.56 17.67
CA ASP B 289 -5.37 -33.82 19.10
C ASP B 289 -6.57 -33.06 19.68
N PRO B 290 -7.75 -33.68 19.73
CA PRO B 290 -8.95 -33.02 20.26
C PRO B 290 -8.95 -32.89 21.78
N CYS B 291 -7.87 -32.34 22.33
CA CYS B 291 -7.71 -32.15 23.76
C CYS B 291 -7.87 -33.48 24.50
N LYS B 292 -7.12 -34.46 24.01
CA LYS B 292 -7.13 -35.80 24.59
C LYS B 292 -6.24 -35.85 25.82
N ALA B 293 -6.25 -37.01 26.48
CA ALA B 293 -5.44 -37.20 27.69
C ALA B 293 -3.95 -37.28 27.35
N TYR B 306 -18.36 -43.04 17.47
CA TYR B 306 -17.26 -43.59 16.69
C TYR B 306 -16.44 -42.48 16.07
N GLU B 307 -15.60 -42.84 15.10
CA GLU B 307 -14.83 -41.86 14.37
C GLU B 307 -15.76 -41.01 13.50
N ALA B 308 -15.37 -39.75 13.29
CA ALA B 308 -16.22 -38.83 12.55
C ALA B 308 -16.34 -39.27 11.09
N GLY B 309 -17.20 -38.56 10.36
CA GLY B 309 -17.49 -38.89 8.98
C GLY B 309 -16.30 -38.67 8.07
N PRO B 310 -16.54 -38.70 6.76
CA PRO B 310 -15.44 -38.47 5.81
C PRO B 310 -14.83 -37.09 6.02
N CYS B 311 -13.58 -37.08 6.46
CA CYS B 311 -12.92 -35.86 6.89
C CYS B 311 -12.23 -35.10 5.76
N TRP B 312 -12.16 -35.68 4.56
CA TRP B 312 -11.41 -35.04 3.49
C TRP B 312 -11.95 -33.65 3.18
N VAL B 313 -13.21 -33.38 3.49
CA VAL B 313 -13.77 -32.05 3.25
C VAL B 313 -13.17 -30.98 4.14
N LEU B 314 -12.40 -31.37 5.16
CA LEU B 314 -11.85 -30.39 6.09
C LEU B 314 -10.92 -29.41 5.39
N TYR B 315 -10.15 -29.89 4.42
CA TYR B 315 -9.20 -29.04 3.72
C TYR B 315 -9.82 -28.24 2.58
N LEU B 316 -11.12 -28.37 2.36
CA LEU B 316 -11.75 -27.67 1.23
C LEU B 316 -11.66 -26.17 1.42
N ASP B 317 -11.86 -25.68 2.64
CA ASP B 317 -11.78 -24.25 2.87
C ASP B 317 -10.42 -23.67 2.48
N PRO B 318 -9.28 -24.21 2.93
CA PRO B 318 -8.00 -23.66 2.44
C PRO B 318 -7.75 -23.93 0.97
N THR B 319 -8.08 -25.13 0.46
CA THR B 319 -7.75 -25.41 -0.92
C THR B 319 -8.62 -24.65 -1.90
N LEU B 320 -9.68 -23.99 -1.44
CA LEU B 320 -10.40 -23.06 -2.29
C LEU B 320 -10.09 -21.60 -1.98
N CYS B 321 -9.70 -21.28 -0.74
CA CYS B 321 -9.22 -19.94 -0.46
C CYS B 321 -7.94 -19.64 -1.23
N VAL B 322 -7.13 -20.67 -1.50
CA VAL B 322 -5.93 -20.46 -2.31
C VAL B 322 -6.31 -20.06 -3.74
N VAL B 323 -7.34 -20.69 -4.30
CA VAL B 323 -7.82 -20.29 -5.62
C VAL B 323 -8.38 -18.89 -5.58
N MET B 324 -9.08 -18.54 -4.50
CA MET B 324 -9.58 -17.17 -4.34
C MET B 324 -8.45 -16.15 -4.40
N VAL B 325 -7.41 -16.36 -3.60
CA VAL B 325 -6.31 -15.39 -3.58
C VAL B 325 -5.56 -15.40 -4.90
N CYS B 326 -5.49 -16.56 -5.57
CA CYS B 326 -4.87 -16.61 -6.88
C CYS B 326 -5.61 -15.72 -7.87
N ILE B 327 -6.93 -15.86 -7.95
CA ILE B 327 -7.69 -15.05 -8.90
C ILE B 327 -7.66 -13.59 -8.51
N LEU B 328 -7.62 -13.28 -7.20
CA LEU B 328 -7.53 -11.89 -6.79
C LEU B 328 -6.22 -11.25 -7.21
N LEU B 329 -5.10 -11.94 -7.02
CA LEU B 329 -3.83 -11.39 -7.50
C LEU B 329 -3.84 -11.24 -9.02
N TYR B 330 -4.30 -12.28 -9.74
CA TYR B 330 -4.27 -12.25 -11.19
C TYR B 330 -5.14 -11.14 -11.75
N THR B 331 -6.21 -10.77 -11.05
CA THR B 331 -7.06 -9.70 -11.54
C THR B 331 -6.62 -8.34 -11.04
N THR B 332 -5.94 -8.28 -9.89
CA THR B 332 -5.53 -6.99 -9.34
C THR B 332 -4.30 -6.44 -10.07
N TYR B 333 -3.37 -7.33 -10.44
CA TYR B 333 -2.10 -6.87 -10.99
C TYR B 333 -2.21 -5.82 -12.11
N PRO B 334 -3.16 -5.90 -13.05
CA PRO B 334 -3.21 -4.84 -14.07
C PRO B 334 -3.48 -3.45 -13.52
N LEU B 335 -4.38 -3.33 -12.55
CA LEU B 335 -4.68 -2.02 -11.97
C LEU B 335 -3.44 -1.42 -11.33
N LEU B 336 -2.74 -2.20 -10.50
CA LEU B 336 -1.53 -1.71 -9.87
C LEU B 336 -0.47 -1.37 -10.90
N LYS B 337 -0.35 -2.18 -11.94
CA LYS B 337 0.63 -1.88 -12.99
C LYS B 337 0.35 -0.55 -13.64
N GLU B 338 -0.89 -0.34 -14.07
CA GLU B 338 -1.25 0.92 -14.72
C GLU B 338 -1.02 2.11 -13.79
N SER B 339 -1.45 1.99 -12.54
CA SER B 339 -1.31 3.10 -11.61
C SER B 339 0.15 3.44 -11.35
N ALA B 340 0.95 2.44 -10.99
CA ALA B 340 2.36 2.69 -10.72
C ALA B 340 3.09 3.19 -11.95
N LEU B 341 2.61 2.83 -13.15
CA LEU B 341 3.22 3.37 -14.35
C LEU B 341 2.86 4.85 -14.54
N ILE B 342 1.61 5.21 -14.23
CA ILE B 342 1.21 6.61 -14.37
C ILE B 342 1.96 7.48 -13.39
N LEU B 343 2.12 7.02 -12.14
CA LEU B 343 2.76 7.86 -11.13
C LEU B 343 4.26 7.99 -11.33
N LEU B 344 4.88 7.17 -12.17
CA LEU B 344 6.32 7.22 -12.39
C LEU B 344 6.72 8.19 -13.49
N GLN B 345 5.77 9.00 -13.99
CA GLN B 345 6.03 9.94 -15.07
C GLN B 345 6.44 9.26 -16.36
N THR B 346 5.86 8.11 -16.66
CA THR B 346 6.20 7.40 -17.87
C THR B 346 5.33 7.85 -19.04
N VAL B 347 5.88 7.70 -20.24
CA VAL B 347 5.15 8.06 -21.46
C VAL B 347 3.92 7.17 -21.59
N PRO B 348 2.76 7.70 -21.97
CA PRO B 348 1.60 6.85 -22.21
C PRO B 348 1.85 5.87 -23.34
N LYS B 349 0.88 4.97 -23.54
CA LYS B 349 1.01 3.96 -24.57
C LYS B 349 0.68 4.50 -25.96
N GLN B 350 0.03 5.65 -26.04
CA GLN B 350 -0.50 6.10 -27.33
C GLN B 350 0.59 6.66 -28.22
N ILE B 351 1.41 7.57 -27.70
CA ILE B 351 2.31 8.36 -28.53
C ILE B 351 3.62 7.63 -28.75
N ASP B 352 4.38 8.11 -29.75
CA ASP B 352 5.61 7.46 -30.18
C ASP B 352 6.73 8.49 -30.22
N ILE B 353 7.72 8.33 -29.34
CA ILE B 353 8.82 9.28 -29.29
C ILE B 353 9.69 9.17 -30.54
N ARG B 354 9.88 7.95 -31.04
CA ARG B 354 10.81 7.73 -32.15
C ARG B 354 10.41 8.53 -33.38
N ASN B 355 9.12 8.53 -33.72
CA ASN B 355 8.68 9.34 -34.85
C ASN B 355 8.32 10.76 -34.44
N LEU B 356 7.97 10.98 -33.17
CA LEU B 356 7.70 12.32 -32.69
C LEU B 356 8.91 13.23 -32.90
N ILE B 357 10.06 12.81 -32.38
CA ILE B 357 11.27 13.63 -32.51
C ILE B 357 11.65 13.76 -33.98
N LYS B 358 11.42 12.71 -34.78
CA LYS B 358 11.81 12.77 -36.18
C LYS B 358 11.00 13.82 -36.93
N GLU B 359 9.68 13.83 -36.75
CA GLU B 359 8.87 14.87 -37.37
C GLU B 359 9.26 16.24 -36.85
N LEU B 360 9.44 16.37 -35.53
CA LEU B 360 9.80 17.66 -34.95
C LEU B 360 11.09 18.20 -35.56
N ARG B 361 12.06 17.32 -35.83
CA ARG B 361 13.28 17.76 -36.49
C ARG B 361 13.02 18.13 -37.94
N ASN B 362 12.22 17.31 -38.64
CA ASN B 362 11.92 17.58 -40.04
C ASN B 362 11.19 18.90 -40.24
N VAL B 363 10.57 19.45 -39.18
CA VAL B 363 9.93 20.75 -39.30
C VAL B 363 10.94 21.80 -39.76
N GLU B 364 10.50 22.67 -40.65
CA GLU B 364 11.36 23.73 -41.16
C GLU B 364 11.65 24.74 -40.06
N GLY B 365 12.86 25.28 -40.08
CA GLY B 365 13.29 26.25 -39.07
C GLY B 365 14.01 25.62 -37.90
N VAL B 366 13.45 24.54 -37.36
CA VAL B 366 14.09 23.85 -36.26
C VAL B 366 15.43 23.28 -36.73
N GLU B 367 16.38 23.16 -35.80
CA GLU B 367 17.66 22.54 -36.09
C GLU B 367 17.95 21.31 -35.25
N GLU B 368 17.44 21.25 -34.02
CA GLU B 368 17.56 20.08 -33.15
C GLU B 368 16.59 20.25 -32.01
N VAL B 369 16.69 19.36 -31.03
CA VAL B 369 15.94 19.47 -29.79
C VAL B 369 16.87 19.03 -28.65
N HIS B 370 17.09 19.93 -27.70
CA HIS B 370 18.02 19.63 -26.60
C HIS B 370 17.43 18.58 -25.67
N GLU B 371 16.29 18.88 -25.06
CA GLU B 371 15.67 18.00 -24.08
C GLU B 371 14.18 17.89 -24.39
N LEU B 372 13.67 16.68 -24.44
CA LEU B 372 12.26 16.42 -24.70
C LEU B 372 11.68 15.65 -23.53
N HIS B 373 10.57 16.14 -22.98
CA HIS B 373 9.94 15.54 -21.83
C HIS B 373 8.45 15.38 -22.11
N VAL B 374 7.92 14.18 -21.89
CA VAL B 374 6.49 13.91 -22.00
C VAL B 374 6.07 13.06 -20.82
N TRP B 375 4.90 13.35 -20.27
CA TRP B 375 4.35 12.54 -19.19
C TRP B 375 2.85 12.77 -19.14
N GLN B 376 2.19 11.97 -18.30
CA GLN B 376 0.73 12.01 -18.16
C GLN B 376 0.40 12.53 -16.77
N LEU B 377 -0.28 13.68 -16.71
CA LEU B 377 -0.61 14.28 -15.43
C LEU B 377 -1.52 13.38 -14.61
N ALA B 378 -2.76 13.21 -15.05
CA ALA B 378 -3.65 12.23 -14.43
C ALA B 378 -4.39 11.36 -15.43
N GLY B 379 -4.82 11.93 -16.55
CA GLY B 379 -5.69 11.23 -17.46
C GLY B 379 -5.46 11.57 -18.92
N SER B 380 -6.54 11.91 -19.62
CA SER B 380 -6.42 12.23 -21.04
C SER B 380 -5.59 13.48 -21.28
N ARG B 381 -5.50 14.37 -20.29
CA ARG B 381 -4.73 15.60 -20.44
C ARG B 381 -3.29 15.33 -20.07
N ILE B 382 -2.39 15.39 -21.05
CA ILE B 382 -0.97 15.13 -20.85
C ILE B 382 -0.18 16.36 -21.25
N ILE B 383 1.03 16.46 -20.70
CA ILE B 383 1.86 17.65 -20.83
C ILE B 383 3.16 17.25 -21.51
N ALA B 384 3.81 18.24 -22.15
CA ALA B 384 5.07 17.99 -22.82
C ALA B 384 5.87 19.29 -22.90
N THR B 385 7.20 19.16 -22.76
CA THR B 385 8.10 20.29 -22.87
C THR B 385 9.23 19.94 -23.83
N ALA B 386 9.89 20.97 -24.35
CA ALA B 386 10.95 20.77 -25.32
C ALA B 386 11.91 21.95 -25.26
N HIS B 387 12.97 21.87 -26.06
CA HIS B 387 14.02 22.87 -26.15
C HIS B 387 14.39 23.14 -27.60
N ILE B 388 13.38 23.30 -28.46
CA ILE B 388 13.65 23.47 -29.88
C ILE B 388 14.51 24.71 -30.09
N LYS B 389 15.27 24.68 -31.19
CA LYS B 389 16.23 25.73 -31.48
C LYS B 389 16.01 26.26 -32.88
N CYS B 390 16.03 27.59 -33.00
CA CYS B 390 15.82 28.27 -34.27
C CYS B 390 17.08 29.04 -34.64
N GLU B 391 17.00 29.85 -35.70
CA GLU B 391 18.12 30.65 -36.15
C GLU B 391 17.81 32.14 -36.26
N ASP B 392 16.54 32.52 -36.42
CA ASP B 392 16.19 33.93 -36.55
C ASP B 392 15.12 34.30 -35.53
N PRO B 393 15.35 35.32 -34.72
CA PRO B 393 14.35 35.72 -33.73
C PRO B 393 13.27 36.60 -34.32
N THR B 394 13.48 37.09 -35.55
CA THR B 394 12.49 37.94 -36.20
C THR B 394 11.19 37.18 -36.45
N SER B 395 11.30 35.93 -36.86
CA SER B 395 10.14 35.07 -37.10
C SER B 395 10.25 33.87 -36.17
N TYR B 396 9.42 33.85 -35.13
CA TYR B 396 9.42 32.72 -34.22
C TYR B 396 8.00 32.20 -33.99
N MET B 397 7.01 33.08 -34.07
CA MET B 397 5.64 32.67 -33.77
C MET B 397 5.09 31.71 -34.82
N GLU B 398 5.55 31.82 -36.06
CA GLU B 398 5.08 30.88 -37.08
C GLU B 398 5.55 29.46 -36.78
N VAL B 399 6.84 29.29 -36.52
CA VAL B 399 7.33 27.95 -36.20
C VAL B 399 6.77 27.50 -34.86
N ALA B 400 6.45 28.42 -33.96
CA ALA B 400 5.81 28.04 -32.71
C ALA B 400 4.43 27.45 -32.98
N LYS B 401 3.63 28.10 -33.81
CA LYS B 401 2.32 27.56 -34.17
C LYS B 401 2.47 26.22 -34.90
N THR B 402 3.50 26.09 -35.72
CA THR B 402 3.72 24.82 -36.43
C THR B 402 4.01 23.69 -35.46
N ILE B 403 4.90 23.93 -34.50
CA ILE B 403 5.20 22.91 -33.50
C ILE B 403 3.97 22.60 -32.65
N LYS B 404 3.18 23.64 -32.35
CA LYS B 404 1.97 23.42 -31.58
C LYS B 404 0.99 22.52 -32.32
N ASP B 405 0.81 22.74 -33.62
CA ASP B 405 -0.12 21.89 -34.36
C ASP B 405 0.44 20.50 -34.60
N VAL B 406 1.77 20.36 -34.67
CA VAL B 406 2.36 19.03 -34.72
C VAL B 406 2.03 18.25 -33.45
N PHE B 407 2.28 18.86 -32.30
CA PHE B 407 1.90 18.22 -31.04
C PHE B 407 0.41 17.91 -31.01
N HIS B 408 -0.42 18.85 -31.48
CA HIS B 408 -1.87 18.65 -31.51
C HIS B 408 -2.24 17.41 -32.29
N ASN B 409 -1.78 17.33 -33.54
CA ASN B 409 -2.02 16.16 -34.38
C ASN B 409 -1.39 14.89 -33.82
N HIS B 410 -0.43 15.02 -32.91
CA HIS B 410 0.21 13.87 -32.28
C HIS B 410 -0.24 13.69 -30.84
N GLY B 411 -1.50 13.98 -30.53
CA GLY B 411 -1.94 13.77 -29.17
C GLY B 411 -1.83 15.00 -28.29
N ILE B 412 -0.68 15.12 -27.62
CA ILE B 412 -0.39 16.11 -26.58
C ILE B 412 -0.94 17.49 -26.92
N HIS B 413 -1.55 18.16 -25.93
CA HIS B 413 -2.05 19.51 -26.11
C HIS B 413 -1.49 20.54 -25.14
N ALA B 414 -0.93 20.12 -24.01
CA ALA B 414 -0.31 21.05 -23.08
C ALA B 414 1.17 21.16 -23.40
N THR B 415 1.58 22.27 -23.98
CA THR B 415 2.91 22.42 -24.54
C THR B 415 3.66 23.56 -23.86
N THR B 416 5.00 23.45 -23.87
CA THR B 416 5.88 24.51 -23.40
C THR B 416 7.23 24.31 -24.08
N ILE B 417 7.51 25.12 -25.11
CA ILE B 417 8.71 24.99 -25.91
C ILE B 417 9.51 26.29 -25.81
N GLN B 418 10.83 26.16 -25.64
CA GLN B 418 11.69 27.31 -25.41
C GLN B 418 12.68 27.45 -26.57
N PRO B 419 12.72 28.58 -27.23
CA PRO B 419 13.63 28.73 -28.37
C PRO B 419 15.05 29.11 -27.99
N GLU B 420 15.88 28.12 -27.69
CA GLU B 420 17.28 28.42 -27.36
C GLU B 420 17.98 28.92 -28.61
N PHE B 421 18.02 30.23 -28.80
CA PHE B 421 18.56 30.81 -30.01
C PHE B 421 20.07 30.62 -30.10
N ALA B 422 20.65 31.13 -31.18
CA ALA B 422 22.09 31.04 -31.40
C ALA B 422 22.74 32.41 -31.37
C10 A1EIM C . 3.85 -8.76 14.85
C13 A1EIM C . 2.64 -11.30 14.88
C15 A1EIM C . 4.86 -12.22 17.06
C20 A1EIM C . 1.36 -12.09 18.53
C21 A1EIM C . 0.77 -11.17 17.49
C22 A1EIM C . 1.78 -10.18 16.94
C24 A1EIM C . -0.39 -11.86 20.40
C26 A1EIM C . 0.64 -14.17 19.93
C28 A1EIM C . 2.12 -14.48 19.85
C01 A1EIM C . 6.18 -9.33 12.74
C03 A1EIM C . 5.71 -8.86 10.53
C05 A1EIM C . 6.31 -8.95 14.20
C06 A1EIM C . 6.24 -10.31 14.95
C07 A1EIM C . 5.61 -9.92 16.24
C08 A1EIM C . 4.14 -9.54 16.16
C09 A1EIM C . 4.23 -8.55 17.32
C11 A1EIM C . 5.07 -8.04 14.39
C12 A1EIM C . 3.05 -10.78 16.29
C14 A1EIM C . 3.51 -12.15 16.95
C16 A1EIM C . 5.72 -11.06 17.21
C18 A1EIM C . 2.44 -12.97 17.84
C19 A1EIM C . 1.88 -13.98 16.82
C23 A1EIM C . 0.18 -12.81 19.32
C25 A1EIM C . -1.09 -13.18 18.50
C29 A1EIM C . 2.58 -15.20 21.04
C31 A1EIM C . 2.89 -13.89 18.97
C32 A1EIM C . 7.54 -11.13 15.29
C33 A1EIM C . 8.89 -10.34 15.39
C34 A1EIM C . 9.28 -9.85 16.82
C35 A1EIM C . 9.95 -11.37 14.90
C36 A1EIM C . 8.76 -9.13 14.43
C37 A1EIM C . 7.56 -8.21 14.64
N30 A1EIM C . 2.93 -15.76 21.98
O02 A1EIM C . 5.55 -8.48 11.88
O04 A1EIM C . 6.65 -10.37 12.30
O17 A1EIM C . 6.50 -10.93 18.14
O27 A1EIM C . -0.18 -14.91 20.42
C10 A1EIM D . -11.41 -13.00 3.63
C13 A1EIM D . -11.33 -13.69 6.36
C15 A1EIM D . -14.29 -14.95 6.02
C20 A1EIM D . -11.67 -17.61 6.70
C21 A1EIM D . -10.47 -16.79 6.27
C22 A1EIM D . -10.82 -15.81 5.15
C24 A1EIM D . -10.67 -19.98 6.64
C26 A1EIM D . -12.29 -19.34 8.55
C28 A1EIM D . -13.67 -18.74 8.38
C01 A1EIM D . -12.98 -10.22 3.86
C03 A1EIM D . -11.67 -8.32 4.06
C05 A1EIM D . -13.41 -11.48 3.16
C06 A1EIM D . -14.09 -12.32 4.27
C07 A1EIM D . -13.82 -13.71 3.83
C08 A1EIM D . -12.37 -14.16 3.98
C09 A1EIM D . -12.46 -15.10 2.78
C11 A1EIM D . -12.05 -12.04 2.68
C12 A1EIM D . -11.94 -14.79 5.44
C14 A1EIM D . -13.06 -15.35 6.40
C16 A1EIM D . -14.65 -14.66 4.64
C18 A1EIM D . -12.73 -16.64 7.31
C19 A1EIM D . -12.29 -16.01 8.65
C23 A1EIM D . -11.18 -18.84 7.58
C25 A1EIM D . -9.96 -18.59 8.50
C29 A1EIM D . -14.71 -19.73 8.63
C31 A1EIM D . -13.82 -17.59 7.78
C32 A1EIM D . -15.64 -12.21 4.53
C33 A1EIM D . -16.56 -11.72 3.36
C34 A1EIM D . -17.17 -12.85 2.47
C35 A1EIM D . -17.72 -10.96 4.07
C36 A1EIM D . -15.68 -10.79 2.49
C37 A1EIM D . -14.36 -11.35 1.97
N30 A1EIM D . -15.53 -20.51 8.83
O02 A1EIM D . -11.84 -9.59 3.47
O04 A1EIM D . -13.63 -9.72 4.77
O17 A1EIM D . -15.58 -15.22 4.07
O27 A1EIM D . -12.01 -20.18 9.39
#